data_7M0L
#
_entry.id   7M0L
#
_cell.length_a   44.850
_cell.length_b   76.723
_cell.length_c   88.413
_cell.angle_alpha   89.970
_cell.angle_beta   97.840
_cell.angle_gamma   90.030
#
_symmetry.space_group_name_H-M   'P 1'
#
loop_
_entity.id
_entity.type
_entity.pdbx_description
1 polymer 'Mitogen-activated protein kinase kinase kinase kinase 1'
2 non-polymer 4-(2-bromoanilino)-2-[(6-methoxy-2-methyl-1,2,3,4-tetrahydroisoquinolin-7-yl)amino]pyrimidine-5-carboxamide
3 water water
#
_entity_poly.entity_id   1
_entity_poly.type   'polypeptide(L)'
_entity_poly.pdbx_seq_one_letter_code
;DPDIFNRDPRDHYDLLQRLGGGTYGEVFKARDKVSGDLVALKMVKMEPDDDVSTLQKEILILKTCRHANIVAYHGSYLWL
QKLWICMEFCGAGSLQDIYQVTGSLSELQISYVCREVLQGLAYLHSQKKIHRDIKGANILINDAGEVRLADFGISAQIGA
ELARRLEFIGTPYWMAPEVAAVALKGGYNELCDIWSLGITAIELAELQPPLFDVHPLRVLFLMTKSGYQPPRLKEKGKWS
AAFHNFIKVTLTKSPKKRPSATKMLSHQLVSQPGLNRGLILDLLDKLKNP
;
_entity_poly.pdbx_strand_id   A,B,C,D
#
loop_
_chem_comp.id
_chem_comp.type
_chem_comp.name
_chem_comp.formula
YK4 non-polymer 4-(2-bromoanilino)-2-[(6-methoxy-2-methyl-1,2,3,4-tetrahydroisoquinolin-7-yl)amino]pyrimidine-5-carboxamide 'C22 H23 Br N6 O2'
#
# COMPACT_ATOMS: atom_id res chain seq x y z
N PRO A 2 -8.96 -7.55 23.25
CA PRO A 2 -7.64 -8.14 23.46
C PRO A 2 -6.70 -7.28 24.34
N ASP A 3 -6.31 -6.10 23.85
CA ASP A 3 -5.46 -5.13 24.56
C ASP A 3 -4.09 -5.71 25.02
N ILE A 4 -3.16 -5.80 24.06
CA ILE A 4 -1.76 -6.18 24.32
C ILE A 4 -1.08 -4.95 24.94
N PHE A 5 -0.61 -5.07 26.19
CA PHE A 5 -0.01 -3.94 26.91
C PHE A 5 1.43 -3.73 26.42
N ASN A 6 1.70 -2.60 25.75
CA ASN A 6 3.06 -2.29 25.22
C ASN A 6 3.96 -1.84 26.36
N ARG A 7 4.43 -2.82 27.11
CA ARG A 7 5.22 -2.62 28.34
C ARG A 7 6.10 -3.84 28.65
N ASP A 8 7.15 -3.64 29.46
CA ASP A 8 8.06 -4.70 29.89
C ASP A 8 7.35 -5.54 30.99
N PRO A 9 7.12 -6.86 30.74
CA PRO A 9 6.56 -7.72 31.79
C PRO A 9 7.50 -8.07 32.95
N ARG A 10 8.83 -7.93 32.77
CA ARG A 10 9.79 -8.00 33.89
C ARG A 10 9.63 -6.92 34.97
N ASP A 11 8.97 -5.81 34.62
CA ASP A 11 8.48 -4.83 35.62
C ASP A 11 7.38 -5.41 36.51
N HIS A 12 6.44 -6.11 35.90
CA HIS A 12 5.22 -6.61 36.58
C HIS A 12 5.37 -8.01 37.23
N TYR A 13 6.24 -8.88 36.68
CA TYR A 13 6.55 -10.21 37.24
C TYR A 13 8.06 -10.46 37.38
N ASP A 14 8.46 -11.12 38.48
CA ASP A 14 9.81 -11.68 38.63
C ASP A 14 9.83 -13.09 38.01
N LEU A 15 10.66 -13.29 36.99
CA LEU A 15 10.89 -14.61 36.40
C LEU A 15 11.66 -15.47 37.39
N LEU A 16 11.01 -16.55 37.84
CA LEU A 16 11.62 -17.43 38.84
C LEU A 16 12.51 -18.46 38.16
N GLN A 17 11.89 -19.32 37.37
CA GLN A 17 12.49 -20.57 36.90
C GLN A 17 12.00 -20.88 35.47
N ARG A 18 12.91 -21.38 34.64
CA ARG A 18 12.55 -21.86 33.29
C ARG A 18 11.83 -23.20 33.40
N LEU A 19 10.73 -23.36 32.65
CA LEU A 19 9.94 -24.62 32.61
C LEU A 19 10.22 -25.49 31.37
N GLY A 20 10.51 -24.85 30.23
CA GLY A 20 10.80 -25.54 28.98
C GLY A 20 10.75 -24.61 27.79
N GLY A 21 10.80 -25.21 26.61
CA GLY A 21 10.83 -24.49 25.35
C GLY A 21 11.50 -25.20 24.19
N GLY A 22 11.44 -24.57 23.04
CA GLY A 22 12.36 -24.87 21.95
C GLY A 22 12.16 -23.91 20.79
N THR A 23 11.20 -24.27 19.95
CA THR A 23 10.96 -23.59 18.67
C THR A 23 10.03 -22.40 18.86
N TYR A 24 8.82 -22.67 19.37
CA TYR A 24 7.84 -21.64 19.84
C TYR A 24 8.43 -20.52 20.70
N GLY A 25 9.35 -20.87 21.59
CA GLY A 25 10.03 -19.92 22.50
C GLY A 25 10.18 -20.50 23.89
N GLU A 26 10.40 -19.65 24.90
CA GLU A 26 10.63 -20.10 26.29
C GLU A 26 9.35 -19.96 27.11
N VAL A 27 9.15 -20.87 28.05
CA VAL A 27 8.11 -20.77 29.08
C VAL A 27 8.75 -20.72 30.47
N PHE A 28 8.42 -19.68 31.23
CA PHE A 28 8.92 -19.45 32.58
C PHE A 28 7.81 -19.55 33.62
N LYS A 29 8.17 -20.00 34.82
CA LYS A 29 7.39 -19.79 36.05
C LYS A 29 7.69 -18.37 36.52
N ALA A 30 6.65 -17.57 36.73
CA ALA A 30 6.78 -16.17 37.15
C ALA A 30 5.86 -15.83 38.32
N ARG A 31 6.37 -15.01 39.25
CA ARG A 31 5.63 -14.52 40.43
C ARG A 31 5.14 -13.09 40.18
N ASP A 32 3.88 -12.83 40.49
CA ASP A 32 3.26 -11.48 40.36
C ASP A 32 3.80 -10.63 41.53
N LYS A 33 4.49 -9.54 41.22
CA LYS A 33 5.48 -8.90 42.14
C LYS A 33 4.97 -8.49 43.53
N VAL A 34 3.78 -7.90 43.57
CA VAL A 34 3.14 -7.49 44.82
C VAL A 34 2.25 -8.62 45.38
N SER A 35 1.29 -9.07 44.57
CA SER A 35 0.26 -10.04 44.97
C SER A 35 0.72 -11.50 45.21
N GLY A 36 1.89 -11.88 44.70
CA GLY A 36 2.45 -13.23 44.91
C GLY A 36 1.81 -14.37 44.13
N ASP A 37 1.04 -14.06 43.09
CA ASP A 37 0.36 -15.05 42.23
C ASP A 37 1.39 -15.70 41.30
N LEU A 38 1.40 -17.03 41.24
CA LEU A 38 2.27 -17.79 40.31
C LEU A 38 1.60 -17.87 38.93
N VAL A 39 2.33 -17.46 37.89
CA VAL A 39 1.88 -17.59 36.50
C VAL A 39 2.88 -18.33 35.62
N ALA A 40 2.40 -18.70 34.44
CA ALA A 40 3.23 -19.18 33.33
C ALA A 40 3.37 -18.06 32.30
N LEU A 41 4.61 -17.63 32.04
CA LEU A 41 4.91 -16.63 30.99
C LEU A 41 5.53 -17.32 29.81
N LYS A 42 4.81 -17.39 28.69
CA LYS A 42 5.36 -17.91 27.42
C LYS A 42 5.96 -16.75 26.62
N MET A 43 7.29 -16.67 26.57
CA MET A 43 8.02 -15.70 25.71
C MET A 43 8.10 -16.26 24.30
N VAL A 44 7.56 -15.52 23.35
CA VAL A 44 7.54 -15.87 21.92
C VAL A 44 8.46 -14.88 21.18
N LYS A 45 9.37 -15.44 20.38
CA LYS A 45 10.23 -14.69 19.48
C LYS A 45 9.42 -14.16 18.28
N MET A 46 9.25 -12.83 18.21
CA MET A 46 8.61 -12.17 17.05
C MET A 46 9.65 -11.68 16.04
N GLU A 47 9.24 -11.68 14.77
CA GLU A 47 10.11 -11.35 13.61
C GLU A 47 9.38 -10.36 12.66
N PRO A 48 10.13 -9.47 11.96
CA PRO A 48 9.57 -8.22 11.39
C PRO A 48 8.41 -8.32 10.38
N ASP A 49 8.30 -9.45 9.67
CA ASP A 49 7.24 -9.67 8.65
C ASP A 49 5.99 -10.43 9.18
N ASP A 50 5.64 -10.20 10.45
CA ASP A 50 4.51 -10.83 11.13
C ASP A 50 3.45 -9.75 11.39
N ASP A 51 2.19 -10.03 10.99
CA ASP A 51 1.10 -9.06 11.08
C ASP A 51 0.57 -8.91 12.53
N VAL A 52 0.63 -7.68 13.05
CA VAL A 52 0.09 -7.34 14.38
C VAL A 52 -1.46 -7.19 14.44
N SER A 53 -2.12 -7.02 13.29
CA SER A 53 -3.58 -6.82 13.24
C SER A 53 -4.36 -8.10 13.60
N THR A 54 -4.13 -9.16 12.82
CA THR A 54 -4.75 -10.47 13.06
C THR A 54 -4.23 -11.20 14.32
N LEU A 55 -3.01 -10.86 14.76
CA LEU A 55 -2.45 -11.32 16.05
C LEU A 55 -3.35 -10.99 17.26
N GLN A 56 -3.92 -9.80 17.27
CA GLN A 56 -4.88 -9.37 18.31
C GLN A 56 -6.23 -10.13 18.28
N LYS A 57 -6.70 -10.49 17.08
CA LYS A 57 -7.97 -11.25 16.91
C LYS A 57 -7.93 -12.69 17.49
N GLU A 58 -6.77 -13.36 17.41
CA GLU A 58 -6.52 -14.63 18.12
C GLU A 58 -6.48 -14.43 19.65
N ILE A 59 -5.81 -13.37 20.08
CA ILE A 59 -5.77 -12.94 21.51
C ILE A 59 -7.18 -12.55 22.04
N LEU A 60 -8.02 -11.96 21.17
CA LEU A 60 -9.45 -11.71 21.48
C LEU A 60 -10.25 -13.02 21.67
N ILE A 61 -9.98 -14.02 20.83
CA ILE A 61 -10.55 -15.37 20.96
C ILE A 61 -10.05 -16.08 22.24
N LEU A 62 -8.76 -15.92 22.55
CA LEU A 62 -8.18 -16.38 23.83
C LEU A 62 -8.76 -15.71 25.08
N LYS A 63 -9.09 -14.42 24.98
CA LYS A 63 -9.69 -13.66 26.10
C LYS A 63 -11.16 -14.07 26.33
N THR A 64 -11.95 -14.05 25.25
CA THR A 64 -13.37 -14.45 25.27
C THR A 64 -13.62 -15.94 25.56
N CYS A 65 -12.66 -16.80 25.20
CA CYS A 65 -12.65 -18.21 25.64
C CYS A 65 -12.48 -18.32 27.17
N ARG A 66 -13.19 -19.28 27.79
CA ARG A 66 -13.19 -19.50 29.26
C ARG A 66 -13.42 -20.99 29.66
N HIS A 67 -12.94 -21.95 28.86
CA HIS A 67 -13.11 -23.39 29.20
C HIS A 67 -12.12 -23.89 30.26
N ALA A 68 -12.60 -24.73 31.19
CA ALA A 68 -11.86 -25.09 32.41
C ALA A 68 -10.68 -26.05 32.15
N ASN A 69 -10.90 -27.06 31.32
CA ASN A 69 -9.82 -27.97 30.87
C ASN A 69 -8.76 -27.40 29.87
N ILE A 70 -8.91 -26.14 29.41
CA ILE A 70 -7.89 -25.40 28.66
C ILE A 70 -7.21 -24.39 29.59
N VAL A 71 -5.87 -24.32 29.54
CA VAL A 71 -5.07 -23.36 30.32
C VAL A 71 -5.61 -21.93 30.15
N ALA A 72 -5.89 -21.23 31.25
CA ALA A 72 -6.44 -19.87 31.22
C ALA A 72 -5.41 -18.81 30.74
N TYR A 73 -5.87 -17.93 29.84
CA TYR A 73 -5.12 -16.76 29.38
C TYR A 73 -5.41 -15.57 30.32
N HIS A 74 -4.37 -15.01 30.95
CA HIS A 74 -4.46 -13.79 31.80
C HIS A 74 -4.22 -12.48 31.05
N GLY A 75 -3.22 -12.48 30.17
CA GLY A 75 -2.93 -11.30 29.36
C GLY A 75 -1.70 -11.40 28.49
N SER A 76 -1.52 -10.36 27.65
CA SER A 76 -0.39 -10.25 26.73
C SER A 76 0.43 -9.01 27.05
N TYR A 77 1.74 -9.15 26.92
CA TYR A 77 2.68 -8.02 26.84
C TYR A 77 3.45 -8.11 25.53
N LEU A 78 3.77 -6.94 24.95
CA LEU A 78 4.65 -6.83 23.78
C LEU A 78 5.74 -5.78 24.03
N TRP A 79 6.87 -6.27 24.55
CA TRP A 79 8.11 -5.52 24.64
C TRP A 79 9.04 -5.96 23.49
N LEU A 80 10.36 -5.76 23.62
CA LEU A 80 11.26 -5.50 22.47
C LEU A 80 11.38 -6.67 21.48
N GLN A 81 10.47 -6.67 20.50
CA GLN A 81 10.27 -7.78 19.55
C GLN A 81 10.02 -9.14 20.25
N LYS A 82 9.19 -9.09 21.30
CA LYS A 82 8.91 -10.23 22.19
C LYS A 82 7.47 -10.18 22.65
N LEU A 83 6.64 -11.11 22.14
CA LEU A 83 5.30 -11.32 22.71
C LEU A 83 5.46 -12.19 23.95
N TRP A 84 4.86 -11.76 25.05
CA TRP A 84 4.80 -12.57 26.29
C TRP A 84 3.33 -12.89 26.60
N ILE A 85 2.97 -14.19 26.60
CA ILE A 85 1.60 -14.64 26.91
C ILE A 85 1.57 -15.08 28.38
N CYS A 86 0.95 -14.25 29.24
CA CYS A 86 0.74 -14.60 30.65
C CYS A 86 -0.44 -15.56 30.80
N MET A 87 -0.20 -16.71 31.45
CA MET A 87 -1.14 -17.81 31.55
C MET A 87 -1.18 -18.45 32.93
N GLU A 88 -2.20 -19.30 33.12
CA GLU A 88 -2.30 -20.17 34.29
C GLU A 88 -1.06 -21.07 34.45
N PHE A 89 -0.62 -21.20 35.70
CA PHE A 89 0.46 -22.06 36.11
C PHE A 89 -0.12 -23.38 36.58
N CYS A 90 0.49 -24.49 36.15
CA CYS A 90 0.11 -25.84 36.55
C CYS A 90 1.32 -26.48 37.22
N GLY A 91 1.31 -26.46 38.55
CA GLY A 91 2.52 -26.62 39.36
C GLY A 91 3.13 -28.02 39.47
N ALA A 92 2.43 -29.05 39.05
CA ALA A 92 2.97 -30.42 39.05
C ALA A 92 3.65 -30.81 37.75
N GLY A 93 3.54 -29.96 36.71
CA GLY A 93 4.12 -30.25 35.40
C GLY A 93 3.16 -31.06 34.55
N SER A 94 3.72 -31.71 33.52
CA SER A 94 3.00 -32.61 32.64
C SER A 94 2.86 -33.95 33.28
N LEU A 95 1.95 -34.75 32.72
CA LEU A 95 1.81 -36.15 33.11
C LEU A 95 3.06 -36.98 32.80
N GLN A 96 3.80 -36.64 31.74
CA GLN A 96 5.13 -37.26 31.48
C GLN A 96 6.11 -37.03 32.65
N ASP A 97 6.22 -35.77 33.08
CA ASP A 97 7.08 -35.41 34.22
C ASP A 97 6.68 -36.21 35.47
N ILE A 98 5.36 -36.39 35.66
CA ILE A 98 4.79 -37.17 36.77
C ILE A 98 5.10 -38.68 36.64
N TYR A 99 4.69 -39.31 35.52
CA TYR A 99 4.81 -40.78 35.37
C TYR A 99 6.24 -41.29 35.37
N GLN A 100 7.18 -40.48 34.91
CA GLN A 100 8.62 -40.82 34.99
C GLN A 100 9.15 -40.97 36.43
N VAL A 101 8.49 -40.34 37.40
CA VAL A 101 8.77 -40.54 38.84
C VAL A 101 7.78 -41.55 39.45
N THR A 102 6.47 -41.35 39.25
CA THR A 102 5.45 -42.22 39.89
C THR A 102 5.33 -43.63 39.33
N GLY A 103 5.74 -43.84 38.09
CA GLY A 103 5.38 -45.05 37.36
C GLY A 103 3.95 -44.93 36.86
N SER A 104 3.43 -46.08 36.42
CA SER A 104 2.17 -46.14 35.66
C SER A 104 0.98 -45.73 36.49
N LEU A 105 0.06 -45.02 35.85
CA LEU A 105 -1.17 -44.58 36.50
C LEU A 105 -2.12 -45.76 36.63
N SER A 106 -2.95 -45.73 37.66
CA SER A 106 -4.08 -46.66 37.79
C SER A 106 -5.12 -46.43 36.70
N GLU A 107 -5.98 -47.42 36.48
CA GLU A 107 -7.06 -47.29 35.51
C GLU A 107 -7.99 -46.13 35.85
N LEU A 108 -8.32 -45.93 37.15
CA LEU A 108 -9.18 -44.80 37.56
C LEU A 108 -8.55 -43.44 37.23
N GLN A 109 -7.26 -43.30 37.55
CA GLN A 109 -6.49 -42.07 37.25
C GLN A 109 -6.48 -41.73 35.76
N ILE A 110 -6.22 -42.74 34.94
CA ILE A 110 -6.28 -42.62 33.47
C ILE A 110 -7.68 -42.22 32.98
N SER A 111 -8.70 -42.85 33.55
CA SER A 111 -10.09 -42.54 33.18
C SER A 111 -10.47 -41.08 33.46
N TYR A 112 -10.02 -40.58 34.60
CA TYR A 112 -10.25 -39.17 34.94
C TYR A 112 -9.50 -38.22 33.98
N VAL A 113 -8.22 -38.50 33.75
CA VAL A 113 -7.41 -37.73 32.79
C VAL A 113 -8.10 -37.69 31.43
N CYS A 114 -8.42 -38.87 30.89
CA CYS A 114 -9.13 -38.98 29.60
C CYS A 114 -10.45 -38.17 29.52
N ARG A 115 -11.24 -38.19 30.59
CA ARG A 115 -12.51 -37.41 30.60
C ARG A 115 -12.23 -35.89 30.52
N GLU A 116 -11.31 -35.43 31.34
CA GLU A 116 -10.87 -34.00 31.33
C GLU A 116 -10.27 -33.56 29.99
N VAL A 117 -9.45 -34.43 29.37
CA VAL A 117 -8.91 -34.13 28.01
C VAL A 117 -10.04 -34.02 26.98
N LEU A 118 -10.96 -34.99 27.00
CA LEU A 118 -12.12 -35.02 26.08
C LEU A 118 -13.03 -33.83 26.22
N GLN A 119 -13.22 -33.35 27.44
CA GLN A 119 -13.93 -32.09 27.68
C GLN A 119 -13.20 -30.91 27.03
N GLY A 120 -11.89 -30.84 27.21
CA GLY A 120 -11.05 -29.89 26.46
C GLY A 120 -11.12 -30.03 24.94
N LEU A 121 -11.03 -31.26 24.44
CA LEU A 121 -11.11 -31.52 22.99
C LEU A 121 -12.50 -31.24 22.38
N ALA A 122 -13.56 -31.55 23.13
CA ALA A 122 -14.93 -31.22 22.73
C ALA A 122 -15.16 -29.71 22.57
N TYR A 123 -14.53 -28.94 23.45
CA TYR A 123 -14.59 -27.49 23.40
C TYR A 123 -13.79 -26.96 22.19
N LEU A 124 -12.54 -27.41 22.02
CA LEU A 124 -11.69 -26.94 20.90
C LEU A 124 -12.28 -27.25 19.52
N HIS A 125 -12.89 -28.45 19.37
CA HIS A 125 -13.50 -28.86 18.10
C HIS A 125 -14.80 -28.09 17.76
N SER A 126 -15.60 -27.76 18.77
CA SER A 126 -16.78 -26.87 18.59
C SER A 126 -16.41 -25.43 18.22
N GLN A 127 -15.20 -25.00 18.63
CA GLN A 127 -14.55 -23.77 18.14
C GLN A 127 -13.73 -23.95 16.82
N LYS A 128 -13.96 -25.04 16.07
CA LYS A 128 -13.29 -25.34 14.80
C LYS A 128 -11.74 -25.42 14.84
N LYS A 129 -11.18 -25.66 16.03
CA LYS A 129 -9.74 -25.80 16.24
C LYS A 129 -9.41 -27.28 16.37
N ILE A 130 -8.13 -27.60 16.21
CA ILE A 130 -7.60 -28.96 16.35
C ILE A 130 -6.38 -28.82 17.26
N HIS A 131 -6.27 -29.71 18.26
CA HIS A 131 -5.10 -29.66 19.17
C HIS A 131 -3.78 -30.04 18.49
N ARG A 132 -3.82 -31.12 17.70
CA ARG A 132 -2.71 -31.65 16.87
C ARG A 132 -1.59 -32.39 17.62
N ASP A 133 -1.68 -32.49 18.94
CA ASP A 133 -0.52 -32.88 19.76
C ASP A 133 -0.87 -33.37 21.18
N ILE A 134 -1.91 -34.19 21.25
CA ILE A 134 -2.30 -34.83 22.48
C ILE A 134 -1.26 -35.91 22.78
N LYS A 135 -0.47 -35.64 23.82
CA LYS A 135 0.42 -36.61 24.42
C LYS A 135 0.58 -36.29 25.92
N GLY A 136 1.03 -37.29 26.68
CA GLY A 136 1.43 -37.12 28.09
C GLY A 136 2.17 -35.81 28.39
N ALA A 137 3.19 -35.47 27.59
CA ALA A 137 3.99 -34.24 27.83
C ALA A 137 3.24 -32.88 27.73
N ASN A 138 2.09 -32.88 27.05
CA ASN A 138 1.27 -31.70 26.82
C ASN A 138 -0.03 -31.64 27.63
N ILE A 139 -0.25 -32.61 28.52
CA ILE A 139 -1.38 -32.62 29.44
C ILE A 139 -0.76 -32.21 30.76
N LEU A 140 -1.16 -31.04 31.25
CA LEU A 140 -0.63 -30.48 32.47
C LEU A 140 -1.55 -30.71 33.68
N ILE A 141 -0.90 -30.70 34.85
CA ILE A 141 -1.50 -31.10 36.11
C ILE A 141 -1.17 -29.99 37.09
N ASN A 142 -2.21 -29.34 37.66
CA ASN A 142 -1.98 -28.35 38.75
C ASN A 142 -1.92 -29.06 40.11
N ASP A 143 -1.64 -28.28 41.14
CA ASP A 143 -1.43 -28.82 42.50
C ASP A 143 -2.73 -29.37 43.14
N ALA A 144 -3.86 -28.81 42.69
CA ALA A 144 -5.20 -29.31 43.00
C ALA A 144 -5.62 -30.63 42.35
N GLY A 145 -4.81 -31.17 41.44
CA GLY A 145 -5.07 -32.44 40.75
C GLY A 145 -5.91 -32.30 39.49
N GLU A 146 -6.00 -31.07 38.98
CA GLU A 146 -6.82 -30.77 37.81
C GLU A 146 -5.99 -30.84 36.54
N VAL A 147 -6.69 -31.03 35.42
CA VAL A 147 -6.13 -31.38 34.13
C VAL A 147 -6.34 -30.23 33.16
N ARG A 148 -5.23 -29.78 32.57
CA ARG A 148 -5.23 -28.66 31.65
C ARG A 148 -4.46 -29.07 30.40
N LEU A 149 -5.05 -28.80 29.24
CA LEU A 149 -4.34 -28.78 27.96
C LEU A 149 -3.71 -27.41 27.75
N ALA A 150 -2.52 -27.38 27.14
CA ALA A 150 -1.96 -26.13 26.55
C ALA A 150 -2.75 -25.74 25.27
N ASP A 151 -2.37 -24.61 24.68
CA ASP A 151 -2.95 -24.14 23.42
C ASP A 151 -1.82 -23.53 22.55
N PHE A 152 -1.39 -24.28 21.53
CA PHE A 152 -0.38 -23.84 20.55
C PHE A 152 -1.04 -23.29 19.27
N GLY A 153 -2.04 -22.43 19.46
CA GLY A 153 -2.87 -21.90 18.38
C GLY A 153 -2.22 -20.70 17.72
N ILE A 154 -2.20 -19.57 18.45
CA ILE A 154 -1.57 -18.32 17.98
C ILE A 154 -0.04 -18.39 17.88
N SER A 155 0.60 -19.17 18.75
CA SER A 155 2.06 -19.43 18.68
C SER A 155 2.51 -20.15 17.40
N ALA A 156 1.66 -21.03 16.85
CA ALA A 156 1.89 -21.66 15.53
C ALA A 156 1.81 -20.69 14.34
N GLN A 157 0.94 -19.69 14.42
CA GLN A 157 0.74 -18.67 13.36
C GLN A 157 1.86 -17.63 13.14
N ILE A 158 2.83 -17.55 14.07
CA ILE A 158 3.95 -16.57 13.99
C ILE A 158 5.28 -17.15 14.51
N GLY A 159 6.36 -16.40 14.26
CA GLY A 159 7.63 -16.57 14.97
C GLY A 159 8.52 -17.69 14.45
N ALA A 160 9.30 -18.29 15.35
CA ALA A 160 10.34 -19.28 15.00
C ALA A 160 9.81 -20.70 14.76
N GLU A 161 8.68 -21.06 15.36
CA GLU A 161 7.97 -22.31 15.02
C GLU A 161 7.32 -22.22 13.63
N LEU A 162 6.76 -21.06 13.30
CA LEU A 162 6.18 -20.82 11.97
C LEU A 162 7.23 -20.79 10.84
N ALA A 163 8.38 -20.15 11.13
CA ALA A 163 9.55 -20.16 10.25
C ALA A 163 10.15 -21.56 10.04
N ARG A 164 10.11 -22.40 11.07
CA ARG A 164 10.52 -23.82 10.98
C ARG A 164 9.61 -24.63 10.03
N ARG A 165 8.30 -24.44 10.16
CA ARG A 165 7.30 -25.06 9.26
C ARG A 165 7.45 -24.64 7.79
N LEU A 166 7.90 -23.40 7.55
CA LEU A 166 8.24 -22.94 6.17
C LEU A 166 9.55 -23.50 5.62
N GLU A 167 10.58 -23.61 6.47
CA GLU A 167 11.95 -24.04 6.05
C GLU A 167 12.03 -25.44 5.44
N PHE A 168 11.29 -26.39 6.02
CA PHE A 168 11.19 -27.76 5.48
C PHE A 168 10.34 -27.83 4.20
N ILE A 169 9.25 -27.06 4.16
CA ILE A 169 8.41 -26.89 2.97
C ILE A 169 9.19 -26.35 1.74
N GLY A 170 10.20 -25.49 1.98
CA GLY A 170 11.07 -24.96 0.92
C GLY A 170 10.34 -23.91 0.09
N THR A 171 11.06 -23.25 -0.83
CA THR A 171 10.50 -22.19 -1.68
C THR A 171 9.14 -22.64 -2.25
N PRO A 172 8.07 -21.86 -2.02
CA PRO A 172 6.72 -22.29 -2.45
C PRO A 172 6.30 -21.89 -3.85
N TYR A 173 7.16 -21.19 -4.59
CA TYR A 173 6.75 -20.45 -5.81
C TYR A 173 6.30 -21.35 -6.96
N TRP A 174 6.91 -22.55 -7.07
CA TRP A 174 6.55 -23.56 -8.10
C TRP A 174 5.43 -24.52 -7.67
N MET A 175 5.02 -24.45 -6.40
CA MET A 175 4.12 -25.43 -5.78
C MET A 175 2.69 -25.16 -6.22
N ALA A 176 1.96 -26.23 -6.54
CA ALA A 176 0.54 -26.13 -6.97
C ALA A 176 -0.39 -25.85 -5.77
N PRO A 177 -1.63 -25.34 -6.02
CA PRO A 177 -2.50 -24.92 -4.90
C PRO A 177 -2.85 -26.04 -3.90
N GLU A 178 -3.28 -27.19 -4.42
CA GLU A 178 -3.53 -28.40 -3.61
C GLU A 178 -2.31 -28.90 -2.81
N VAL A 179 -1.11 -28.66 -3.34
CA VAL A 179 0.14 -28.99 -2.64
C VAL A 179 0.38 -28.00 -1.51
N ALA A 180 0.15 -26.71 -1.78
CA ALA A 180 0.22 -25.67 -0.75
C ALA A 180 -0.83 -25.82 0.36
N ALA A 181 -2.04 -26.24 -0.02
CA ALA A 181 -3.15 -26.50 0.92
C ALA A 181 -2.78 -27.56 1.95
N VAL A 182 -2.22 -28.66 1.45
CA VAL A 182 -1.70 -29.73 2.31
C VAL A 182 -0.45 -29.30 3.10
N ALA A 183 0.42 -28.47 2.51
CA ALA A 183 1.60 -27.91 3.22
C ALA A 183 1.25 -27.01 4.43
N LEU A 184 0.05 -26.40 4.43
CA LEU A 184 -0.50 -25.68 5.59
C LEU A 184 -1.19 -26.64 6.59
N LYS A 185 -2.22 -27.33 6.11
CA LYS A 185 -3.08 -28.20 6.96
C LYS A 185 -2.38 -29.46 7.46
N GLY A 186 -1.82 -30.22 6.52
CA GLY A 186 -1.46 -31.62 6.67
C GLY A 186 -2.70 -32.48 6.43
N GLY A 187 -2.67 -33.68 6.99
CA GLY A 187 -3.85 -34.57 7.11
C GLY A 187 -4.68 -34.37 8.37
N TYR A 188 -4.16 -33.56 9.31
CA TYR A 188 -4.85 -33.13 10.51
C TYR A 188 -6.29 -32.66 10.25
N ASN A 189 -7.24 -33.46 10.72
CA ASN A 189 -8.62 -33.03 10.97
C ASN A 189 -8.86 -33.14 12.49
N GLU A 190 -10.06 -32.79 12.96
CA GLU A 190 -10.39 -32.83 14.39
C GLU A 190 -10.23 -34.21 15.06
N LEU A 191 -10.59 -35.27 14.32
CA LEU A 191 -10.67 -36.61 14.88
C LEU A 191 -9.32 -37.28 15.14
N CYS A 192 -8.23 -36.75 14.60
CA CYS A 192 -6.87 -37.25 14.93
C CYS A 192 -6.48 -37.05 16.41
N ASP A 193 -6.99 -35.99 17.04
CA ASP A 193 -6.88 -35.80 18.52
C ASP A 193 -7.43 -36.97 19.34
N ILE A 194 -8.51 -37.58 18.86
CA ILE A 194 -9.15 -38.73 19.54
C ILE A 194 -8.24 -39.96 19.49
N TRP A 195 -7.73 -40.27 18.28
CA TRP A 195 -6.67 -41.27 18.09
C TRP A 195 -5.54 -40.98 19.06
N SER A 196 -5.00 -39.76 19.00
CA SER A 196 -3.88 -39.36 19.84
C SER A 196 -4.15 -39.56 21.34
N LEU A 197 -5.38 -39.34 21.78
CA LEU A 197 -5.78 -39.63 23.16
C LEU A 197 -5.74 -41.13 23.45
N GLY A 198 -6.21 -41.93 22.50
CA GLY A 198 -6.08 -43.40 22.56
C GLY A 198 -4.67 -43.85 22.84
N ILE A 199 -3.72 -43.27 22.11
CA ILE A 199 -2.29 -43.55 22.31
C ILE A 199 -1.81 -43.02 23.65
N THR A 200 -2.28 -41.84 24.04
CA THR A 200 -1.92 -41.24 25.32
C THR A 200 -2.35 -42.11 26.49
N ALA A 201 -3.57 -42.64 26.44
CA ALA A 201 -4.07 -43.51 27.50
C ALA A 201 -3.22 -44.77 27.68
N ILE A 202 -2.75 -45.36 26.57
CA ILE A 202 -1.78 -46.47 26.59
C ILE A 202 -0.46 -45.98 27.19
N GLU A 203 -0.01 -44.79 26.77
CA GLU A 203 1.25 -44.19 27.31
C GLU A 203 1.24 -44.08 28.82
N LEU A 204 0.16 -43.51 29.35
CA LEU A 204 -0.04 -43.37 30.80
C LEU A 204 -0.11 -44.72 31.49
N ALA A 205 -0.79 -45.66 30.85
CA ALA A 205 -0.86 -47.07 31.32
C ALA A 205 0.48 -47.80 31.37
N GLU A 206 1.36 -47.55 30.41
CA GLU A 206 2.56 -48.39 30.19
C GLU A 206 3.92 -47.66 30.16
N LEU A 207 3.95 -46.36 30.47
CA LEU A 207 5.16 -45.50 30.41
C LEU A 207 5.79 -45.20 29.04
N GLN A 208 5.13 -45.62 27.96
CA GLN A 208 5.62 -45.39 26.57
C GLN A 208 4.43 -45.45 25.62
N PRO A 209 4.43 -44.69 24.50
CA PRO A 209 3.42 -44.96 23.46
C PRO A 209 3.80 -46.27 22.78
N PRO A 210 2.85 -46.94 22.09
CA PRO A 210 3.22 -48.19 21.38
C PRO A 210 4.27 -47.91 20.25
N LEU A 211 5.16 -48.87 20.06
CA LEU A 211 6.24 -48.80 19.06
C LEU A 211 7.34 -47.76 19.36
N PHE A 212 7.43 -47.24 20.59
CA PHE A 212 8.46 -46.22 20.98
C PHE A 212 9.90 -46.69 20.81
N ASP A 213 10.14 -48.01 20.88
CA ASP A 213 11.43 -48.65 20.60
C ASP A 213 11.78 -48.94 19.11
N VAL A 214 10.85 -48.60 18.21
CA VAL A 214 10.89 -48.90 16.78
C VAL A 214 11.10 -47.57 16.06
N HIS A 215 11.84 -47.62 14.96
CA HIS A 215 12.28 -46.44 14.22
C HIS A 215 11.08 -45.64 13.63
N PRO A 216 11.12 -44.29 13.75
CA PRO A 216 10.01 -43.43 13.30
C PRO A 216 9.48 -43.68 11.89
N LEU A 217 10.40 -43.83 10.94
CA LEU A 217 10.08 -44.15 9.53
C LEU A 217 9.32 -45.47 9.38
N ARG A 218 9.86 -46.52 10.00
CA ARG A 218 9.24 -47.84 10.01
C ARG A 218 7.80 -47.80 10.52
N VAL A 219 7.58 -46.99 11.56
CA VAL A 219 6.27 -46.75 12.13
C VAL A 219 5.34 -46.03 11.14
N LEU A 220 5.85 -45.00 10.47
CA LEU A 220 5.10 -44.27 9.45
C LEU A 220 4.65 -45.14 8.28
N PHE A 221 5.53 -45.99 7.78
CA PHE A 221 5.20 -46.95 6.72
C PHE A 221 4.20 -48.03 7.16
N LEU A 222 4.36 -48.53 8.39
CA LEU A 222 3.45 -49.55 8.94
C LEU A 222 2.03 -49.00 9.05
N MET A 223 1.90 -47.83 9.70
CA MET A 223 0.63 -47.07 9.83
C MET A 223 -0.16 -46.85 8.54
N THR A 224 0.57 -46.54 7.47
CA THR A 224 -0.02 -46.24 6.15
C THR A 224 -0.39 -47.46 5.32
N LYS A 225 0.28 -48.59 5.53
CA LYS A 225 -0.03 -49.84 4.80
C LYS A 225 -1.37 -50.42 5.23
N SER A 226 -2.06 -51.03 4.26
CA SER A 226 -3.54 -51.21 4.29
C SER A 226 -4.06 -52.03 5.49
N GLY A 227 -3.37 -53.12 5.80
CA GLY A 227 -3.73 -53.99 6.92
C GLY A 227 -3.07 -53.66 8.24
N TYR A 228 -2.87 -52.38 8.54
CA TYR A 228 -2.34 -51.94 9.82
C TYR A 228 -3.38 -52.17 10.91
N GLN A 229 -3.09 -53.09 11.82
CA GLN A 229 -3.87 -53.27 13.04
C GLN A 229 -3.48 -52.20 14.04
N PRO A 230 -4.49 -51.49 14.63
CA PRO A 230 -4.12 -50.49 15.62
C PRO A 230 -3.51 -51.11 16.89
N PRO A 231 -2.74 -50.32 17.67
CA PRO A 231 -2.20 -50.87 18.92
C PRO A 231 -3.28 -51.21 19.99
N ARG A 232 -2.81 -51.96 21.00
CA ARG A 232 -3.60 -52.42 22.12
C ARG A 232 -2.74 -52.36 23.38
N LEU A 233 -3.41 -52.46 24.52
CA LEU A 233 -2.72 -52.58 25.80
C LEU A 233 -2.04 -53.97 25.91
N LYS A 234 -0.79 -53.99 26.37
CA LYS A 234 0.01 -55.23 26.49
C LYS A 234 -0.61 -56.30 27.39
N GLU A 235 -0.99 -55.88 28.59
CA GLU A 235 -1.36 -56.79 29.70
C GLU A 235 -2.88 -56.87 29.91
N LYS A 236 -3.55 -57.72 29.14
CA LYS A 236 -5.04 -57.83 29.08
C LYS A 236 -5.76 -57.92 30.44
N GLY A 237 -5.23 -58.74 31.35
CA GLY A 237 -5.81 -58.95 32.68
C GLY A 237 -5.74 -57.79 33.67
N LYS A 238 -4.72 -56.94 33.55
CA LYS A 238 -4.54 -55.76 34.41
C LYS A 238 -5.64 -54.68 34.26
N TRP A 239 -6.21 -54.58 33.07
CA TRP A 239 -7.19 -53.55 32.69
C TRP A 239 -8.57 -54.18 32.50
N SER A 240 -9.61 -53.38 32.74
CA SER A 240 -10.99 -53.82 32.54
C SER A 240 -11.34 -53.82 31.05
N ALA A 241 -12.40 -54.55 30.72
CA ALA A 241 -12.97 -54.58 29.36
C ALA A 241 -13.35 -53.20 28.81
N ALA A 242 -13.82 -52.32 29.70
CA ALA A 242 -14.17 -50.95 29.32
C ALA A 242 -12.98 -50.12 28.88
N PHE A 243 -11.82 -50.30 29.53
CA PHE A 243 -10.57 -49.63 29.08
C PHE A 243 -10.13 -50.18 27.73
N HIS A 244 -10.15 -51.51 27.55
CA HIS A 244 -9.87 -52.14 26.24
C HIS A 244 -10.76 -51.65 25.11
N ASN A 245 -12.06 -51.51 25.40
CA ASN A 245 -13.01 -50.97 24.42
C ASN A 245 -12.75 -49.49 24.11
N PHE A 246 -12.43 -48.70 25.14
CA PHE A 246 -12.03 -47.29 24.95
C PHE A 246 -10.80 -47.17 24.01
N ILE A 247 -9.81 -48.03 24.22
CA ILE A 247 -8.64 -48.11 23.34
C ILE A 247 -9.01 -48.61 21.93
N LYS A 248 -9.87 -49.63 21.83
CA LYS A 248 -10.35 -50.14 20.53
C LYS A 248 -11.05 -49.05 19.69
N VAL A 249 -12.00 -48.33 20.30
CA VAL A 249 -12.83 -47.35 19.57
C VAL A 249 -12.10 -46.05 19.27
N THR A 250 -11.31 -45.55 20.22
CA THR A 250 -10.45 -44.38 19.99
C THR A 250 -9.42 -44.65 18.90
N LEU A 251 -8.85 -45.86 18.89
CA LEU A 251 -7.90 -46.26 17.83
C LEU A 251 -8.55 -46.95 16.63
N THR A 252 -9.65 -46.36 16.14
CA THR A 252 -10.26 -46.75 14.86
C THR A 252 -9.41 -46.11 13.76
N LYS A 253 -8.98 -46.91 12.80
CA LYS A 253 -8.10 -46.46 11.73
C LYS A 253 -8.81 -45.46 10.81
N SER A 254 -10.01 -45.83 10.37
CA SER A 254 -10.82 -45.01 9.47
C SER A 254 -11.33 -43.71 10.18
N PRO A 255 -10.90 -42.51 9.72
CA PRO A 255 -11.38 -41.26 10.35
C PRO A 255 -12.89 -41.03 10.26
N LYS A 256 -13.50 -41.41 9.13
CA LYS A 256 -14.98 -41.35 8.93
C LYS A 256 -15.77 -42.15 9.99
N LYS A 257 -15.25 -43.33 10.35
CA LYS A 257 -15.87 -44.21 11.36
C LYS A 257 -15.44 -43.94 12.82
N ARG A 258 -14.44 -43.07 13.06
CA ARG A 258 -13.88 -42.86 14.41
C ARG A 258 -14.79 -41.90 15.24
N PRO A 259 -15.04 -42.20 16.53
CA PRO A 259 -15.94 -41.35 17.32
C PRO A 259 -15.34 -39.98 17.67
N SER A 260 -16.18 -38.95 17.66
CA SER A 260 -15.80 -37.59 18.06
C SER A 260 -15.64 -37.47 19.57
N ALA A 261 -15.12 -36.32 20.01
CA ALA A 261 -14.95 -36.03 21.45
C ALA A 261 -16.26 -36.11 22.24
N THR A 262 -17.33 -35.55 21.68
CA THR A 262 -18.68 -35.58 22.28
C THR A 262 -19.18 -37.02 22.43
N LYS A 263 -19.16 -37.77 21.33
CA LYS A 263 -19.46 -39.22 21.32
C LYS A 263 -18.67 -40.01 22.37
N MET A 264 -17.37 -39.73 22.46
CA MET A 264 -16.47 -40.39 23.43
C MET A 264 -16.78 -40.08 24.89
N LEU A 265 -17.29 -38.88 25.21
CA LEU A 265 -17.67 -38.55 26.61
C LEU A 265 -18.83 -39.37 27.20
N SER A 266 -19.71 -39.90 26.33
CA SER A 266 -20.74 -40.89 26.74
C SER A 266 -20.24 -42.37 26.72
N HIS A 267 -18.93 -42.59 26.65
CA HIS A 267 -18.34 -43.91 26.79
C HIS A 267 -18.27 -44.28 28.28
N GLN A 268 -18.35 -45.57 28.54
CA GLN A 268 -18.43 -46.13 29.89
C GLN A 268 -17.26 -45.73 30.80
N LEU A 269 -16.04 -46.00 30.33
CA LEU A 269 -14.80 -45.61 31.00
C LEU A 269 -14.78 -44.21 31.58
N VAL A 270 -15.25 -43.24 30.78
CA VAL A 270 -15.18 -41.79 31.13
C VAL A 270 -16.49 -41.18 31.70
N SER A 271 -17.63 -41.85 31.51
CA SER A 271 -18.90 -41.46 32.12
C SER A 271 -19.18 -42.10 33.50
N GLN A 272 -18.28 -42.97 33.99
CA GLN A 272 -18.47 -43.66 35.27
C GLN A 272 -18.39 -42.70 36.44
N PRO A 273 -19.14 -42.97 37.54
CA PRO A 273 -19.04 -42.09 38.71
C PRO A 273 -17.73 -42.32 39.48
N GLY A 274 -17.48 -41.47 40.45
CA GLY A 274 -16.22 -41.47 41.21
C GLY A 274 -14.96 -41.06 40.47
N LEU A 275 -15.10 -40.37 39.33
CA LEU A 275 -13.94 -39.81 38.65
C LEU A 275 -13.88 -38.36 39.09
N ASN A 276 -12.87 -38.03 39.89
CA ASN A 276 -12.59 -36.65 40.31
C ASN A 276 -11.11 -36.46 40.65
N ARG A 277 -10.74 -35.20 40.88
CA ARG A 277 -9.36 -34.79 41.16
C ARG A 277 -8.65 -35.45 42.35
N GLY A 278 -9.41 -36.03 43.29
CA GLY A 278 -8.86 -36.92 44.34
C GLY A 278 -7.93 -38.02 43.84
N LEU A 279 -8.30 -38.60 42.70
CA LEU A 279 -7.47 -39.61 42.02
C LEU A 279 -6.09 -39.10 41.67
N ILE A 280 -6.01 -37.84 41.23
CA ILE A 280 -4.72 -37.19 40.91
C ILE A 280 -4.00 -36.68 42.14
N LEU A 281 -4.73 -36.29 43.17
CA LEU A 281 -4.09 -35.93 44.46
C LEU A 281 -3.34 -37.13 45.06
N ASP A 282 -3.94 -38.33 44.96
CA ASP A 282 -3.26 -39.60 45.30
C ASP A 282 -1.97 -39.80 44.50
N LEU A 283 -2.01 -39.50 43.20
CA LEU A 283 -0.82 -39.56 42.33
C LEU A 283 0.26 -38.57 42.76
N LEU A 284 -0.12 -37.30 42.91
CA LEU A 284 0.83 -36.27 43.40
C LEU A 284 1.40 -36.55 44.78
N ASP A 285 0.62 -37.22 45.63
CA ASP A 285 1.11 -37.72 46.94
C ASP A 285 2.18 -38.83 46.76
N LYS A 286 1.94 -39.74 45.80
CA LYS A 286 2.91 -40.79 45.43
C LYS A 286 4.25 -40.23 44.91
N LEU A 287 4.21 -39.08 44.22
CA LEU A 287 5.42 -38.37 43.78
C LEU A 287 6.28 -37.89 44.97
N LYS A 288 5.64 -37.40 46.03
CA LYS A 288 6.31 -36.93 47.25
C LYS A 288 6.69 -38.11 48.17
N ASN A 289 5.70 -38.96 48.48
CA ASN A 289 5.81 -40.03 49.48
C ASN A 289 5.77 -41.45 48.88
N PRO A 290 6.95 -42.01 48.56
CA PRO A 290 7.15 -43.46 48.40
C PRO A 290 7.96 -44.06 49.57
N ASP B 3 21.72 -54.16 -8.51
CA ASP B 3 23.14 -54.60 -8.30
C ASP B 3 24.03 -53.45 -7.76
N ILE B 4 23.96 -53.23 -6.44
CA ILE B 4 24.79 -52.27 -5.72
C ILE B 4 26.17 -52.92 -5.56
N PHE B 5 27.20 -52.31 -6.15
CA PHE B 5 28.57 -52.83 -6.08
C PHE B 5 29.18 -52.47 -4.71
N ASN B 6 29.45 -53.47 -3.87
CA ASN B 6 30.19 -53.26 -2.60
C ASN B 6 31.68 -53.04 -2.91
N ARG B 7 31.98 -51.82 -3.34
CA ARG B 7 33.31 -51.44 -3.87
C ARG B 7 33.52 -49.92 -3.80
N ASP B 8 34.77 -49.51 -3.77
CA ASP B 8 35.14 -48.08 -3.75
C ASP B 8 35.03 -47.54 -5.18
N PRO B 9 34.13 -46.54 -5.44
CA PRO B 9 34.08 -45.91 -6.77
C PRO B 9 35.28 -45.01 -7.13
N ARG B 10 36.00 -44.50 -6.12
CA ARG B 10 37.27 -43.77 -6.36
C ARG B 10 38.40 -44.64 -6.95
N ASP B 11 38.30 -45.97 -6.85
CA ASP B 11 39.13 -46.90 -7.65
C ASP B 11 38.84 -46.82 -9.14
N HIS B 12 37.57 -46.73 -9.50
CA HIS B 12 37.10 -46.70 -10.89
C HIS B 12 37.01 -45.30 -11.55
N TYR B 13 36.77 -44.24 -10.76
CA TYR B 13 36.69 -42.84 -11.25
C TYR B 13 37.59 -41.85 -10.49
N ASP B 14 38.15 -40.87 -11.21
CA ASP B 14 38.78 -39.68 -10.61
C ASP B 14 37.69 -38.61 -10.38
N LEU B 15 37.45 -38.23 -9.12
CA LEU B 15 36.55 -37.11 -8.79
C LEU B 15 37.26 -35.80 -9.19
N LEU B 16 36.72 -35.10 -10.18
CA LEU B 16 37.37 -33.91 -10.74
C LEU B 16 36.99 -32.69 -9.91
N GLN B 17 35.71 -32.33 -9.92
CA GLN B 17 35.24 -31.01 -9.44
C GLN B 17 33.84 -31.10 -8.83
N ARG B 18 33.60 -30.40 -7.73
CA ARG B 18 32.27 -30.31 -7.09
C ARG B 18 31.34 -29.44 -7.95
N LEU B 19 30.10 -29.90 -8.12
CA LEU B 19 29.06 -29.17 -8.88
C LEU B 19 28.11 -28.30 -8.03
N GLY B 20 27.85 -28.72 -6.79
CA GLY B 20 27.08 -27.94 -5.81
C GLY B 20 26.09 -28.79 -5.04
N GLY B 21 25.31 -28.14 -4.19
CA GLY B 21 24.23 -28.78 -3.43
C GLY B 21 24.68 -29.65 -2.27
N GLY B 22 23.76 -29.91 -1.33
CA GLY B 22 24.09 -30.66 -0.11
C GLY B 22 23.12 -31.27 0.89
N THR B 23 21.79 -31.17 0.68
CA THR B 23 20.78 -31.81 1.57
C THR B 23 20.52 -33.23 1.04
N TYR B 24 19.94 -33.29 -0.16
CA TYR B 24 19.90 -34.51 -1.04
C TYR B 24 21.25 -35.27 -1.16
N GLY B 25 22.35 -34.52 -1.25
CA GLY B 25 23.70 -35.06 -1.33
C GLY B 25 24.63 -34.04 -1.96
N GLU B 26 25.92 -34.38 -1.93
CA GLU B 26 26.98 -33.64 -2.62
C GLU B 26 27.21 -34.32 -3.99
N VAL B 27 27.49 -33.50 -5.02
CA VAL B 27 27.55 -33.99 -6.41
C VAL B 27 28.85 -33.53 -7.07
N PHE B 28 29.61 -34.51 -7.57
CA PHE B 28 30.90 -34.27 -8.22
C PHE B 28 30.85 -34.66 -9.70
N LYS B 29 31.58 -33.90 -10.51
CA LYS B 29 31.92 -34.27 -11.90
C LYS B 29 33.06 -35.29 -11.81
N ALA B 30 32.89 -36.45 -12.45
CA ALA B 30 33.87 -37.54 -12.37
C ALA B 30 34.24 -38.11 -13.74
N ARG B 31 35.53 -38.43 -13.90
CA ARG B 31 36.09 -39.02 -15.12
C ARG B 31 36.29 -40.53 -14.95
N ASP B 32 35.91 -41.31 -15.96
CA ASP B 32 36.14 -42.77 -16.00
C ASP B 32 37.65 -42.99 -16.29
N LYS B 33 38.37 -43.63 -15.35
CA LYS B 33 39.85 -43.58 -15.27
C LYS B 33 40.64 -43.95 -16.55
N VAL B 34 40.20 -45.01 -17.23
CA VAL B 34 40.83 -45.47 -18.48
C VAL B 34 40.19 -44.78 -19.70
N SER B 35 38.88 -44.92 -19.85
CA SER B 35 38.15 -44.45 -21.04
C SER B 35 37.97 -42.91 -21.18
N GLY B 36 38.13 -42.16 -20.10
CA GLY B 36 37.93 -40.69 -20.10
C GLY B 36 36.49 -40.19 -20.19
N ASP B 37 35.51 -41.07 -19.95
CA ASP B 37 34.08 -40.72 -20.02
C ASP B 37 33.66 -39.91 -18.78
N LEU B 38 32.94 -38.82 -19.01
CA LEU B 38 32.49 -37.92 -17.94
C LEU B 38 31.16 -38.43 -17.36
N VAL B 39 31.08 -38.51 -16.02
CA VAL B 39 29.83 -38.82 -15.28
C VAL B 39 29.54 -37.81 -14.15
N ALA B 40 28.36 -37.92 -13.58
CA ALA B 40 27.97 -37.20 -12.36
C ALA B 40 27.81 -38.21 -11.23
N LEU B 41 28.58 -38.03 -10.16
CA LEU B 41 28.55 -38.91 -8.99
C LEU B 41 27.90 -38.15 -7.84
N LYS B 42 26.76 -38.65 -7.38
CA LYS B 42 26.06 -38.11 -6.20
C LYS B 42 26.45 -38.91 -4.97
N MET B 43 27.24 -38.28 -4.08
CA MET B 43 27.59 -38.86 -2.78
C MET B 43 26.46 -38.56 -1.79
N VAL B 44 25.91 -39.62 -1.19
CA VAL B 44 24.91 -39.49 -0.12
C VAL B 44 25.55 -40.04 1.18
N LYS B 45 25.49 -39.26 2.26
CA LYS B 45 25.90 -39.74 3.60
C LYS B 45 24.79 -40.62 4.18
N MET B 46 25.04 -41.93 4.30
CA MET B 46 24.08 -42.92 4.84
C MET B 46 24.24 -43.09 6.37
N GLU B 47 23.16 -43.48 7.03
CA GLU B 47 23.10 -43.78 8.47
C GLU B 47 22.66 -45.25 8.67
N PRO B 48 23.12 -45.91 9.77
CA PRO B 48 23.11 -47.40 9.88
C PRO B 48 21.76 -48.13 9.81
N ASP B 49 20.66 -47.44 10.13
CA ASP B 49 19.29 -47.99 10.11
C ASP B 49 18.52 -47.66 8.80
N ASP B 50 19.23 -47.71 7.65
CA ASP B 50 18.63 -47.56 6.31
C ASP B 50 18.61 -48.92 5.61
N ASP B 51 17.43 -49.33 5.13
CA ASP B 51 17.20 -50.68 4.62
C ASP B 51 17.77 -50.87 3.20
N VAL B 52 18.70 -51.82 3.06
CA VAL B 52 19.32 -52.14 1.76
C VAL B 52 18.46 -52.99 0.80
N SER B 53 17.40 -53.65 1.31
CA SER B 53 16.58 -54.59 0.52
C SER B 53 15.72 -53.87 -0.53
N THR B 54 14.85 -52.97 -0.07
CA THR B 54 14.02 -52.12 -0.96
C THR B 54 14.82 -51.06 -1.73
N LEU B 55 15.99 -50.67 -1.19
CA LEU B 55 16.98 -49.82 -1.89
C LEU B 55 17.40 -50.37 -3.26
N GLN B 56 17.62 -51.68 -3.33
CA GLN B 56 17.95 -52.38 -4.58
C GLN B 56 16.79 -52.41 -5.61
N LYS B 57 15.54 -52.51 -5.14
CA LYS B 57 14.34 -52.52 -6.02
C LYS B 57 14.10 -51.20 -6.79
N GLU B 58 14.40 -50.07 -6.15
CA GLU B 58 14.45 -48.74 -6.84
C GLU B 58 15.59 -48.67 -7.86
N ILE B 59 16.76 -49.16 -7.45
CA ILE B 59 17.94 -49.30 -8.32
C ILE B 59 17.68 -50.25 -9.52
N LEU B 60 16.89 -51.31 -9.31
CA LEU B 60 16.45 -52.21 -10.39
C LEU B 60 15.53 -51.51 -11.40
N ILE B 61 14.61 -50.67 -10.89
CA ILE B 61 13.75 -49.82 -11.75
C ILE B 61 14.57 -48.75 -12.49
N LEU B 62 15.55 -48.15 -11.80
CA LEU B 62 16.52 -47.23 -12.42
C LEU B 62 17.42 -47.87 -13.50
N LYS B 63 17.81 -49.13 -13.31
CA LYS B 63 18.65 -49.85 -14.28
C LYS B 63 17.84 -50.25 -15.52
N THR B 64 16.69 -50.88 -15.30
CA THR B 64 15.75 -51.27 -16.38
C THR B 64 15.10 -50.10 -17.13
N CYS B 65 14.96 -48.94 -16.47
CA CYS B 65 14.60 -47.67 -17.11
C CYS B 65 15.69 -47.21 -18.10
N ARG B 66 15.25 -46.68 -19.24
CA ARG B 66 16.14 -46.11 -20.28
C ARG B 66 15.49 -44.91 -21.01
N HIS B 67 14.72 -44.06 -20.30
CA HIS B 67 14.06 -42.89 -20.94
C HIS B 67 15.03 -41.72 -21.15
N ALA B 68 14.93 -41.11 -22.34
CA ALA B 68 15.93 -40.15 -22.83
C ALA B 68 15.92 -38.81 -22.11
N ASN B 69 14.72 -38.27 -21.87
CA ASN B 69 14.55 -37.04 -21.07
C ASN B 69 14.76 -37.14 -19.53
N ILE B 70 15.03 -38.34 -19.00
CA ILE B 70 15.45 -38.52 -17.58
C ILE B 70 16.94 -38.83 -17.53
N VAL B 71 17.67 -38.16 -16.63
CA VAL B 71 19.11 -38.39 -16.40
C VAL B 71 19.40 -39.89 -16.23
N ALA B 72 20.32 -40.43 -17.03
CA ALA B 72 20.58 -41.89 -17.05
C ALA B 72 21.33 -42.39 -15.81
N TYR B 73 20.84 -43.51 -15.25
CA TYR B 73 21.49 -44.22 -14.13
C TYR B 73 22.52 -45.21 -14.67
N HIS B 74 23.77 -45.08 -14.25
CA HIS B 74 24.87 -45.99 -14.66
C HIS B 74 25.18 -47.06 -13.61
N GLY B 75 25.23 -46.67 -12.34
CA GLY B 75 25.47 -47.62 -11.26
C GLY B 75 25.52 -47.02 -9.87
N SER B 76 25.48 -47.90 -8.88
CA SER B 76 25.59 -47.56 -7.46
C SER B 76 26.83 -48.21 -6.86
N TYR B 77 27.48 -47.50 -5.95
CA TYR B 77 28.63 -48.01 -5.17
C TYR B 77 28.44 -47.64 -3.70
N LEU B 78 28.88 -48.52 -2.79
CA LEU B 78 28.73 -48.32 -1.34
C LEU B 78 30.06 -48.61 -0.64
N TRP B 79 30.83 -47.53 -0.43
CA TRP B 79 31.99 -47.51 0.47
C TRP B 79 31.56 -46.98 1.86
N LEU B 80 32.51 -46.58 2.73
CA LEU B 80 32.35 -46.60 4.20
C LEU B 80 31.24 -45.69 4.73
N GLN B 81 30.03 -46.26 4.79
CA GLN B 81 28.77 -45.55 5.08
C GLN B 81 28.53 -44.32 4.16
N LYS B 82 28.81 -44.52 2.87
CA LYS B 82 28.62 -43.51 1.82
C LYS B 82 28.17 -44.20 0.52
N LEU B 83 26.91 -44.00 0.12
CA LEU B 83 26.40 -44.38 -1.20
C LEU B 83 26.89 -43.35 -2.21
N TRP B 84 27.38 -43.84 -3.36
CA TRP B 84 27.71 -43.01 -4.51
C TRP B 84 26.89 -43.46 -5.73
N ILE B 85 26.06 -42.58 -6.26
CA ILE B 85 25.16 -42.89 -7.41
C ILE B 85 25.79 -42.30 -8.67
N CYS B 86 26.30 -43.17 -9.54
CA CYS B 86 26.89 -42.78 -10.81
C CYS B 86 25.80 -42.53 -11.85
N MET B 87 25.83 -41.35 -12.47
CA MET B 87 24.78 -40.88 -13.40
C MET B 87 25.34 -40.14 -14.62
N GLU B 88 24.47 -39.92 -15.60
CA GLU B 88 24.76 -39.09 -16.76
C GLU B 88 25.20 -37.67 -16.37
N PHE B 89 26.20 -37.13 -17.06
CA PHE B 89 26.69 -35.76 -16.89
C PHE B 89 25.97 -34.87 -17.91
N CYS B 90 25.53 -33.67 -17.47
CA CYS B 90 24.98 -32.64 -18.34
C CYS B 90 25.84 -31.39 -18.16
N GLY B 91 26.72 -31.16 -19.12
CA GLY B 91 27.82 -30.20 -19.02
C GLY B 91 27.50 -28.71 -19.02
N ALA B 92 26.30 -28.33 -19.44
CA ALA B 92 25.88 -26.92 -19.41
C ALA B 92 25.21 -26.49 -18.11
N GLY B 93 24.94 -27.44 -17.20
CA GLY B 93 24.32 -27.15 -15.91
C GLY B 93 22.81 -27.12 -16.03
N SER B 94 22.17 -26.46 -15.08
CA SER B 94 20.72 -26.25 -15.11
C SER B 94 20.40 -25.07 -16.00
N LEU B 95 19.13 -24.98 -16.37
CA LEU B 95 18.62 -23.81 -17.08
C LEU B 95 18.69 -22.53 -16.24
N GLN B 96 18.58 -22.64 -14.91
CA GLN B 96 18.82 -21.50 -14.01
C GLN B 96 20.24 -20.95 -14.15
N ASP B 97 21.23 -21.83 -14.09
CA ASP B 97 22.65 -21.44 -14.28
C ASP B 97 22.84 -20.72 -15.63
N ILE B 98 22.15 -21.23 -16.66
CA ILE B 98 22.19 -20.66 -18.01
C ILE B 98 21.50 -19.28 -18.10
N TYR B 99 20.21 -19.21 -17.70
CA TYR B 99 19.45 -17.95 -17.84
C TYR B 99 19.98 -16.78 -17.00
N GLN B 100 20.62 -17.09 -15.88
CA GLN B 100 21.33 -16.07 -15.07
C GLN B 100 22.49 -15.36 -15.79
N VAL B 101 23.05 -16.01 -16.82
CA VAL B 101 24.03 -15.41 -17.72
C VAL B 101 23.37 -14.93 -19.01
N THR B 102 22.62 -15.80 -19.68
CA THR B 102 22.02 -15.47 -21.00
C THR B 102 20.87 -14.48 -20.98
N GLY B 103 20.19 -14.35 -19.85
CA GLY B 103 18.89 -13.69 -19.81
C GLY B 103 17.81 -14.61 -20.37
N SER B 104 16.66 -14.01 -20.66
CA SER B 104 15.42 -14.77 -20.91
C SER B 104 15.51 -15.60 -22.18
N LEU B 105 14.92 -16.79 -22.13
CA LEU B 105 14.83 -17.67 -23.30
C LEU B 105 13.76 -17.11 -24.24
N SER B 106 13.94 -17.34 -25.54
CA SER B 106 12.90 -17.09 -26.55
C SER B 106 11.73 -18.07 -26.35
N GLU B 107 10.59 -17.73 -26.94
CA GLU B 107 9.42 -18.59 -26.89
C GLU B 107 9.70 -19.99 -27.49
N LEU B 108 10.43 -20.05 -28.61
CA LEU B 108 10.78 -21.34 -29.25
C LEU B 108 11.63 -22.22 -28.33
N GLN B 109 12.66 -21.60 -27.72
CA GLN B 109 13.53 -22.30 -26.75
C GLN B 109 12.76 -22.89 -25.56
N ILE B 110 11.87 -22.07 -25.00
CA ILE B 110 10.97 -22.48 -23.92
C ILE B 110 10.05 -23.63 -24.35
N SER B 111 9.49 -23.53 -25.56
CA SER B 111 8.61 -24.57 -26.11
C SER B 111 9.33 -25.91 -26.24
N TYR B 112 10.58 -25.89 -26.69
CA TYR B 112 11.42 -27.09 -26.79
C TYR B 112 11.68 -27.70 -25.41
N VAL B 113 12.11 -26.87 -24.45
CA VAL B 113 12.32 -27.30 -23.07
C VAL B 113 11.06 -27.96 -22.52
N CYS B 114 9.93 -27.24 -22.60
CA CYS B 114 8.62 -27.77 -22.19
C CYS B 114 8.25 -29.15 -22.80
N ARG B 115 8.50 -29.35 -24.09
CA ARG B 115 8.22 -30.64 -24.76
C ARG B 115 9.06 -31.77 -24.18
N GLU B 116 10.35 -31.52 -24.05
CA GLU B 116 11.28 -32.48 -23.46
C GLU B 116 10.94 -32.80 -21.98
N VAL B 117 10.58 -31.80 -21.19
CA VAL B 117 10.14 -32.03 -19.78
C VAL B 117 8.87 -32.88 -19.74
N LEU B 118 7.89 -32.53 -20.58
CA LEU B 118 6.61 -33.29 -20.62
C LEU B 118 6.78 -34.75 -21.06
N GLN B 119 7.72 -34.98 -21.98
CA GLN B 119 8.13 -36.34 -22.35
C GLN B 119 8.70 -37.09 -21.14
N GLY B 120 9.59 -36.44 -20.39
CA GLY B 120 10.04 -36.95 -19.09
C GLY B 120 8.92 -37.20 -18.07
N LEU B 121 8.03 -36.22 -17.91
CA LEU B 121 6.90 -36.34 -16.96
C LEU B 121 5.86 -37.40 -17.34
N ALA B 122 5.59 -37.53 -18.65
CA ALA B 122 4.72 -38.60 -19.18
C ALA B 122 5.26 -40.00 -18.87
N TYR B 123 6.59 -40.14 -18.94
CA TYR B 123 7.27 -41.36 -18.55
C TYR B 123 7.17 -41.61 -17.04
N LEU B 124 7.53 -40.62 -16.23
CA LEU B 124 7.51 -40.76 -14.75
C LEU B 124 6.12 -41.09 -14.20
N HIS B 125 5.08 -40.47 -14.75
CA HIS B 125 3.68 -40.71 -14.30
C HIS B 125 3.14 -42.09 -14.69
N SER B 126 3.52 -42.59 -15.89
CA SER B 126 3.22 -43.98 -16.29
C SER B 126 3.94 -45.03 -15.43
N GLN B 127 5.10 -44.66 -14.87
CA GLN B 127 5.80 -45.42 -13.81
C GLN B 127 5.29 -45.11 -12.36
N LYS B 128 4.10 -44.49 -12.22
CA LYS B 128 3.46 -44.17 -10.94
C LYS B 128 4.29 -43.25 -9.99
N LYS B 129 5.24 -42.50 -10.54
CA LYS B 129 6.12 -41.62 -9.76
C LYS B 129 5.70 -40.19 -10.00
N ILE B 130 6.16 -39.30 -9.12
CA ILE B 130 5.88 -37.86 -9.19
C ILE B 130 7.22 -37.16 -9.02
N HIS B 131 7.53 -36.18 -9.88
CA HIS B 131 8.78 -35.44 -9.77
C HIS B 131 8.88 -34.57 -8.52
N ARG B 132 7.79 -33.86 -8.20
CA ARG B 132 7.64 -33.00 -6.97
C ARG B 132 8.40 -31.67 -6.98
N ASP B 133 9.14 -31.37 -8.04
CA ASP B 133 10.17 -30.31 -7.99
C ASP B 133 10.61 -29.78 -9.37
N ILE B 134 9.63 -29.62 -10.25
CA ILE B 134 9.85 -29.08 -11.57
C ILE B 134 10.13 -27.58 -11.39
N LYS B 135 11.39 -27.23 -11.64
CA LYS B 135 11.84 -25.83 -11.70
C LYS B 135 13.10 -25.72 -12.56
N GLY B 136 13.35 -24.52 -13.08
CA GLY B 136 14.57 -24.18 -13.82
C GLY B 136 15.85 -24.84 -13.29
N ALA B 137 16.11 -24.73 -11.99
CA ALA B 137 17.35 -25.32 -11.38
C ALA B 137 17.53 -26.86 -11.48
N ASN B 138 16.43 -27.58 -11.72
CA ASN B 138 16.41 -29.04 -11.81
C ASN B 138 16.18 -29.59 -13.25
N ILE B 139 16.10 -28.70 -14.25
CA ILE B 139 16.08 -29.06 -15.66
C ILE B 139 17.50 -28.86 -16.13
N LEU B 140 18.20 -29.96 -16.45
CA LEU B 140 19.61 -29.93 -16.88
C LEU B 140 19.76 -29.97 -18.40
N ILE B 141 20.88 -29.43 -18.87
CA ILE B 141 21.18 -29.25 -20.30
C ILE B 141 22.57 -29.81 -20.55
N ASN B 142 22.68 -30.77 -21.44
CA ASN B 142 24.00 -31.35 -21.85
C ASN B 142 24.61 -30.54 -22.97
N ASP B 143 25.83 -30.92 -23.39
CA ASP B 143 26.61 -30.17 -24.38
C ASP B 143 25.99 -30.27 -25.80
N ALA B 144 25.27 -31.36 -26.05
CA ALA B 144 24.44 -31.56 -27.26
C ALA B 144 23.19 -30.69 -27.37
N GLY B 145 22.81 -29.96 -26.30
CA GLY B 145 21.61 -29.11 -26.29
C GLY B 145 20.33 -29.83 -25.86
N GLU B 146 20.51 -31.01 -25.28
CA GLU B 146 19.40 -31.87 -24.90
C GLU B 146 19.04 -31.64 -23.44
N VAL B 147 17.81 -32.01 -23.10
CA VAL B 147 17.15 -31.63 -21.86
C VAL B 147 16.93 -32.90 -21.01
N ARG B 148 17.39 -32.84 -19.77
CA ARG B 148 17.32 -33.97 -18.85
C ARG B 148 16.74 -33.48 -17.53
N LEU B 149 15.74 -34.19 -17.01
CA LEU B 149 15.27 -34.02 -15.61
C LEU B 149 16.17 -34.81 -14.66
N ALA B 150 16.44 -34.24 -13.49
CA ALA B 150 17.12 -34.94 -12.40
C ALA B 150 16.21 -36.01 -11.76
N ASP B 151 16.74 -36.76 -10.79
CA ASP B 151 15.96 -37.75 -10.04
C ASP B 151 16.38 -37.74 -8.56
N PHE B 152 15.54 -37.11 -7.73
CA PHE B 152 15.70 -37.08 -6.26
C PHE B 152 14.79 -38.15 -5.61
N GLY B 153 14.79 -39.36 -6.18
CA GLY B 153 13.80 -40.40 -5.84
C GLY B 153 14.29 -41.23 -4.67
N ILE B 154 15.25 -42.10 -4.97
CA ILE B 154 15.88 -42.97 -3.95
C ILE B 154 16.75 -42.22 -2.93
N SER B 155 17.38 -41.12 -3.36
CA SER B 155 18.13 -40.20 -2.47
C SER B 155 17.28 -39.53 -1.38
N ALA B 156 16.00 -39.25 -1.67
CA ALA B 156 15.03 -38.77 -0.66
C ALA B 156 14.67 -39.80 0.43
N GLN B 157 14.61 -41.08 0.05
CA GLN B 157 14.29 -42.19 0.99
C GLN B 157 15.40 -42.60 1.99
N ILE B 158 16.62 -42.05 1.87
CA ILE B 158 17.74 -42.35 2.82
C ILE B 158 18.61 -41.11 3.15
N GLY B 159 19.45 -41.25 4.17
CA GLY B 159 20.48 -40.25 4.49
C GLY B 159 20.03 -39.00 5.24
N ALA B 160 20.69 -37.88 4.97
CA ALA B 160 20.46 -36.60 5.68
C ALA B 160 19.22 -35.80 5.22
N GLU B 161 18.80 -35.98 3.96
CA GLU B 161 17.50 -35.48 3.48
C GLU B 161 16.32 -36.25 4.09
N LEU B 162 16.48 -37.58 4.28
CA LEU B 162 15.51 -38.41 5.01
C LEU B 162 15.42 -38.04 6.50
N ALA B 163 16.59 -37.80 7.14
CA ALA B 163 16.65 -37.35 8.55
C ALA B 163 16.00 -35.98 8.78
N ARG B 164 16.13 -35.08 7.80
CA ARG B 164 15.49 -33.75 7.82
C ARG B 164 13.95 -33.89 7.72
N ARG B 165 13.48 -34.72 6.79
CA ARG B 165 12.04 -34.99 6.61
C ARG B 165 11.37 -35.62 7.85
N LEU B 166 12.14 -36.41 8.62
CA LEU B 166 11.69 -36.96 9.92
C LEU B 166 11.69 -35.91 11.04
N GLU B 167 12.71 -35.04 11.10
CA GLU B 167 12.86 -34.02 12.18
C GLU B 167 11.71 -33.01 12.23
N PHE B 168 11.27 -32.54 11.06
CA PHE B 168 10.14 -31.58 10.96
C PHE B 168 8.80 -32.23 11.25
N ILE B 169 8.60 -33.45 10.73
CA ILE B 169 7.41 -34.29 11.03
C ILE B 169 7.26 -34.60 12.53
N GLY B 170 8.38 -34.76 13.25
CA GLY B 170 8.40 -35.03 14.69
C GLY B 170 8.01 -36.47 14.97
N THR B 171 8.17 -36.88 16.24
CA THR B 171 7.82 -38.24 16.70
C THR B 171 6.47 -38.67 16.14
N PRO B 172 6.41 -39.82 15.43
CA PRO B 172 5.14 -40.28 14.82
C PRO B 172 4.23 -41.11 15.72
N TYR B 173 4.63 -41.40 16.95
CA TYR B 173 3.98 -42.46 17.77
C TYR B 173 2.54 -42.14 18.19
N TRP B 174 2.25 -40.85 18.41
CA TRP B 174 0.91 -40.36 18.76
C TRP B 174 0.06 -39.96 17.54
N MET B 175 0.65 -39.99 16.35
CA MET B 175 0.07 -39.47 15.14
C MET B 175 -0.93 -40.48 14.58
N ALA B 176 -2.10 -40.01 14.14
CA ALA B 176 -3.13 -40.89 13.54
C ALA B 176 -2.76 -41.32 12.11
N PRO B 177 -3.34 -42.43 11.59
CA PRO B 177 -2.89 -42.98 10.29
C PRO B 177 -3.02 -42.01 9.11
N GLU B 178 -4.21 -41.40 8.98
CA GLU B 178 -4.46 -40.35 7.96
C GLU B 178 -3.53 -39.15 8.06
N VAL B 179 -3.06 -38.83 9.27
CA VAL B 179 -2.11 -37.75 9.49
C VAL B 179 -0.72 -38.21 9.04
N ALA B 180 -0.34 -39.44 9.36
CA ALA B 180 0.91 -40.05 8.89
C ALA B 180 0.97 -40.24 7.37
N ALA B 181 -0.17 -40.62 6.77
CA ALA B 181 -0.32 -40.77 5.32
C ALA B 181 0.01 -39.49 4.57
N VAL B 182 -0.60 -38.40 5.04
CA VAL B 182 -0.34 -37.07 4.49
C VAL B 182 1.10 -36.58 4.81
N ALA B 183 1.63 -36.91 6.00
CA ALA B 183 3.03 -36.57 6.34
C ALA B 183 4.10 -37.25 5.45
N LEU B 184 3.76 -38.40 4.85
CA LEU B 184 4.62 -39.10 3.85
C LEU B 184 4.42 -38.55 2.44
N LYS B 185 3.19 -38.65 1.94
CA LYS B 185 2.81 -38.22 0.56
C LYS B 185 2.90 -36.71 0.33
N GLY B 186 2.25 -35.95 1.23
CA GLY B 186 1.90 -34.56 1.00
C GLY B 186 0.58 -34.50 0.26
N GLY B 187 0.36 -33.35 -0.37
CA GLY B 187 -0.69 -33.16 -1.38
C GLY B 187 -0.20 -33.37 -2.81
N TYR B 188 1.09 -33.68 -2.99
CA TYR B 188 1.68 -34.13 -4.26
C TYR B 188 0.85 -35.30 -4.84
N ASN B 189 0.14 -35.02 -5.95
CA ASN B 189 -0.28 -36.05 -6.92
C ASN B 189 0.50 -35.77 -8.23
N GLU B 190 0.28 -36.60 -9.26
CA GLU B 190 1.04 -36.45 -10.53
C GLU B 190 0.87 -35.09 -11.24
N LEU B 191 -0.33 -34.53 -11.18
CA LEU B 191 -0.70 -33.33 -11.91
C LEU B 191 -0.08 -32.03 -11.36
N CYS B 192 0.48 -32.06 -10.14
CA CYS B 192 1.21 -30.89 -9.60
C CYS B 192 2.50 -30.58 -10.39
N ASP B 193 3.16 -31.59 -10.94
CA ASP B 193 4.27 -31.40 -11.90
C ASP B 193 3.88 -30.55 -13.13
N ILE B 194 2.64 -30.68 -13.60
CA ILE B 194 2.15 -29.92 -14.77
C ILE B 194 2.01 -28.43 -14.40
N TRP B 195 1.37 -28.15 -13.27
CA TRP B 195 1.35 -26.80 -12.67
C TRP B 195 2.78 -26.25 -12.58
N SER B 196 3.65 -27.02 -11.93
CA SER B 196 5.03 -26.61 -11.71
C SER B 196 5.76 -26.29 -13.02
N LEU B 197 5.47 -27.04 -14.09
CA LEU B 197 6.03 -26.73 -15.42
C LEU B 197 5.49 -25.42 -15.97
N GLY B 198 4.19 -25.18 -15.76
CA GLY B 198 3.53 -23.91 -16.08
C GLY B 198 4.27 -22.71 -15.50
N ILE B 199 4.62 -22.82 -14.23
CA ILE B 199 5.37 -21.77 -13.51
C ILE B 199 6.80 -21.73 -14.02
N THR B 200 7.40 -22.89 -14.31
CA THR B 200 8.76 -22.95 -14.87
C THR B 200 8.85 -22.22 -16.22
N ALA B 201 7.85 -22.40 -17.08
CA ALA B 201 7.76 -21.69 -18.38
C ALA B 201 7.76 -20.17 -18.23
N ILE B 202 7.02 -19.67 -17.23
CA ILE B 202 7.07 -18.25 -16.84
C ILE B 202 8.47 -17.89 -16.33
N GLU B 203 9.05 -18.75 -15.49
CA GLU B 203 10.41 -18.53 -14.93
C GLU B 203 11.44 -18.33 -16.03
N LEU B 204 11.43 -19.25 -17.01
CA LEU B 204 12.30 -19.18 -18.17
C LEU B 204 12.04 -17.91 -18.99
N ALA B 205 10.75 -17.58 -19.15
CA ALA B 205 10.33 -16.34 -19.83
C ALA B 205 10.78 -15.04 -19.18
N GLU B 206 10.80 -14.99 -17.84
CA GLU B 206 10.96 -13.71 -17.09
C GLU B 206 12.08 -13.66 -16.02
N LEU B 207 12.92 -14.69 -15.96
CA LEU B 207 14.02 -14.85 -14.96
C LEU B 207 13.64 -15.11 -13.51
N GLN B 208 12.35 -15.26 -13.21
CA GLN B 208 11.83 -15.43 -11.84
C GLN B 208 10.48 -16.15 -11.91
N PRO B 209 10.13 -16.96 -10.89
CA PRO B 209 8.75 -17.44 -10.85
C PRO B 209 7.84 -16.27 -10.44
N PRO B 210 6.52 -16.37 -10.69
CA PRO B 210 5.61 -15.34 -10.18
C PRO B 210 5.65 -15.23 -8.63
N LEU B 211 5.46 -13.99 -8.14
CA LEU B 211 5.48 -13.66 -6.71
C LEU B 211 6.85 -13.83 -6.01
N PHE B 212 7.96 -13.87 -6.78
CA PHE B 212 9.33 -14.10 -6.21
C PHE B 212 9.77 -13.05 -5.19
N ASP B 213 9.25 -11.83 -5.31
CA ASP B 213 9.46 -10.73 -4.33
C ASP B 213 8.49 -10.69 -3.13
N VAL B 214 7.60 -11.68 -3.02
CA VAL B 214 6.57 -11.79 -1.99
C VAL B 214 6.98 -12.95 -1.07
N HIS B 215 6.72 -12.79 0.22
CA HIS B 215 7.14 -13.73 1.26
C HIS B 215 6.46 -15.11 1.10
N PRO B 216 7.21 -16.24 1.31
CA PRO B 216 6.68 -17.59 1.15
C PRO B 216 5.33 -17.90 1.77
N LEU B 217 5.15 -17.48 3.03
CA LEU B 217 3.89 -17.65 3.76
C LEU B 217 2.71 -16.95 3.09
N ARG B 218 2.91 -15.67 2.76
CA ARG B 218 1.87 -14.86 2.08
C ARG B 218 1.43 -15.52 0.78
N VAL B 219 2.40 -16.09 0.05
CA VAL B 219 2.14 -16.82 -1.20
C VAL B 219 1.31 -18.09 -0.94
N LEU B 220 1.68 -18.85 0.11
CA LEU B 220 0.93 -20.06 0.50
C LEU B 220 -0.53 -19.77 0.86
N PHE B 221 -0.76 -18.71 1.64
CA PHE B 221 -2.12 -18.30 2.01
C PHE B 221 -2.95 -17.77 0.83
N LEU B 222 -2.31 -17.00 -0.06
CA LEU B 222 -2.97 -16.46 -1.26
C LEU B 222 -3.44 -17.58 -2.17
N MET B 223 -2.52 -18.50 -2.50
CA MET B 223 -2.79 -19.73 -3.30
C MET B 223 -3.98 -20.59 -2.82
N THR B 224 -4.11 -20.72 -1.51
CA THR B 224 -5.15 -21.54 -0.88
C THR B 224 -6.52 -20.86 -0.77
N LYS B 225 -6.55 -19.53 -0.67
CA LYS B 225 -7.82 -18.80 -0.54
C LYS B 225 -8.63 -18.82 -1.84
N SER B 226 -9.96 -18.81 -1.69
CA SER B 226 -10.92 -19.31 -2.70
C SER B 226 -10.86 -18.63 -4.07
N GLY B 227 -10.73 -17.30 -4.06
CA GLY B 227 -10.64 -16.49 -5.29
C GLY B 227 -9.24 -16.25 -5.82
N TYR B 228 -8.32 -17.22 -5.64
CA TYR B 228 -6.96 -17.10 -6.15
C TYR B 228 -6.97 -17.21 -7.67
N GLN B 229 -6.59 -16.12 -8.32
CA GLN B 229 -6.29 -16.13 -9.75
C GLN B 229 -4.90 -16.74 -9.96
N PRO B 230 -4.76 -17.73 -10.88
CA PRO B 230 -3.41 -18.22 -11.21
C PRO B 230 -2.52 -17.11 -11.84
N PRO B 231 -1.18 -17.29 -11.81
CA PRO B 231 -0.32 -16.36 -12.54
C PRO B 231 -0.49 -16.36 -14.08
N ARG B 232 0.06 -15.31 -14.67
CA ARG B 232 0.10 -15.09 -16.11
C ARG B 232 1.43 -14.43 -16.42
N LEU B 233 1.76 -14.40 -17.72
CA LEU B 233 2.92 -13.65 -18.21
C LEU B 233 2.64 -12.15 -18.12
N LYS B 234 3.65 -11.39 -17.68
CA LYS B 234 3.60 -9.91 -17.58
C LYS B 234 3.26 -9.22 -18.90
N GLU B 235 4.00 -9.57 -19.96
CA GLU B 235 4.06 -8.79 -21.20
C GLU B 235 3.31 -9.50 -22.35
N LYS B 236 1.99 -9.29 -22.40
CA LYS B 236 1.08 -9.97 -23.35
C LYS B 236 1.50 -9.97 -24.85
N GLY B 237 1.98 -8.81 -25.32
CA GLY B 237 2.42 -8.63 -26.70
C GLY B 237 3.66 -9.39 -27.16
N LYS B 238 4.61 -9.58 -26.24
CA LYS B 238 5.86 -10.30 -26.54
C LYS B 238 5.68 -11.79 -26.88
N TRP B 239 4.67 -12.42 -26.27
CA TRP B 239 4.41 -13.85 -26.42
C TRP B 239 3.18 -14.13 -27.29
N SER B 240 3.16 -15.29 -27.96
CA SER B 240 2.01 -15.67 -28.79
C SER B 240 0.85 -16.15 -27.93
N ALA B 241 -0.35 -16.12 -28.51
CA ALA B 241 -1.58 -16.64 -27.89
C ALA B 241 -1.48 -18.10 -27.43
N ALA B 242 -0.75 -18.91 -28.20
CA ALA B 242 -0.52 -20.32 -27.86
C ALA B 242 0.29 -20.51 -26.57
N PHE B 243 1.29 -19.66 -26.34
CA PHE B 243 2.06 -19.65 -25.09
C PHE B 243 1.14 -19.22 -23.92
N HIS B 244 0.35 -18.16 -24.11
CA HIS B 244 -0.65 -17.73 -23.12
C HIS B 244 -1.65 -18.84 -22.75
N ASN B 245 -2.13 -19.56 -23.76
CA ASN B 245 -3.04 -20.70 -23.52
C ASN B 245 -2.34 -21.84 -22.79
N PHE B 246 -1.08 -22.14 -23.15
CA PHE B 246 -0.25 -23.14 -22.44
C PHE B 246 -0.12 -22.79 -20.94
N ILE B 247 0.12 -21.51 -20.64
CA ILE B 247 0.17 -21.02 -19.27
C ILE B 247 -1.22 -21.09 -18.60
N LYS B 248 -2.28 -20.69 -19.32
CA LYS B 248 -3.65 -20.74 -18.78
C LYS B 248 -4.09 -22.16 -18.38
N VAL B 249 -3.88 -23.13 -19.26
CA VAL B 249 -4.34 -24.52 -19.02
C VAL B 249 -3.43 -25.29 -18.05
N THR B 250 -2.10 -25.11 -18.14
CA THR B 250 -1.18 -25.74 -17.18
C THR B 250 -1.39 -25.21 -15.78
N LEU B 251 -1.66 -23.90 -15.65
CA LEU B 251 -1.98 -23.27 -14.36
C LEU B 251 -3.49 -23.23 -14.06
N THR B 252 -4.14 -24.38 -14.23
CA THR B 252 -5.51 -24.60 -13.76
C THR B 252 -5.40 -24.93 -12.29
N LYS B 253 -6.16 -24.20 -11.47
CA LYS B 253 -6.19 -24.39 -10.02
C LYS B 253 -6.75 -25.78 -9.64
N SER B 254 -7.89 -26.13 -10.24
CA SER B 254 -8.57 -27.40 -9.99
C SER B 254 -7.76 -28.60 -10.57
N PRO B 255 -7.24 -29.51 -9.69
CA PRO B 255 -6.44 -30.64 -10.20
C PRO B 255 -7.20 -31.61 -11.13
N LYS B 256 -8.48 -31.85 -10.83
CA LYS B 256 -9.36 -32.69 -11.69
C LYS B 256 -9.47 -32.19 -13.14
N LYS B 257 -9.55 -30.86 -13.31
CA LYS B 257 -9.62 -30.21 -14.63
C LYS B 257 -8.27 -29.94 -15.33
N ARG B 258 -7.15 -30.06 -14.60
CA ARG B 258 -5.81 -29.74 -15.13
C ARG B 258 -5.27 -30.87 -16.03
N PRO B 259 -4.78 -30.54 -17.25
CA PRO B 259 -4.42 -31.62 -18.19
C PRO B 259 -3.14 -32.39 -17.82
N SER B 260 -3.11 -33.70 -18.13
CA SER B 260 -1.95 -34.55 -17.87
C SER B 260 -0.80 -34.27 -18.84
N ALA B 261 0.36 -34.86 -18.55
CA ALA B 261 1.54 -34.74 -19.41
C ALA B 261 1.29 -35.20 -20.85
N THR B 262 0.60 -36.34 -21.00
CA THR B 262 0.24 -36.89 -22.33
C THR B 262 -0.66 -35.93 -23.10
N LYS B 263 -1.76 -35.50 -22.47
CA LYS B 263 -2.65 -34.45 -23.02
C LYS B 263 -1.91 -33.18 -23.45
N MET B 264 -0.99 -32.72 -22.59
CA MET B 264 -0.19 -31.52 -22.86
C MET B 264 0.79 -31.65 -24.03
N LEU B 265 1.32 -32.84 -24.29
CA LEU B 265 2.25 -33.04 -25.44
C LEU B 265 1.62 -32.83 -26.82
N SER B 266 0.30 -33.06 -26.94
CA SER B 266 -0.46 -32.73 -28.14
C SER B 266 -1.05 -31.28 -28.14
N HIS B 267 -0.57 -30.42 -27.24
CA HIS B 267 -0.92 -28.99 -27.24
C HIS B 267 -0.06 -28.28 -28.31
N GLN B 268 -0.61 -27.18 -28.85
CA GLN B 268 -0.04 -26.44 -29.98
C GLN B 268 1.40 -25.98 -29.76
N LEU B 269 1.63 -25.28 -28.66
CA LEU B 269 2.96 -24.79 -28.27
C LEU B 269 4.09 -25.81 -28.40
N VAL B 270 3.85 -27.03 -27.93
CA VAL B 270 4.88 -28.13 -27.87
C VAL B 270 4.78 -29.21 -28.98
N SER B 271 3.67 -29.25 -29.69
CA SER B 271 3.52 -30.11 -30.88
C SER B 271 3.90 -29.43 -32.21
N GLN B 272 4.29 -28.14 -32.18
CA GLN B 272 4.69 -27.41 -33.40
C GLN B 272 6.01 -27.96 -33.95
N PRO B 273 6.22 -27.89 -35.30
CA PRO B 273 7.48 -28.36 -35.85
C PRO B 273 8.64 -27.39 -35.57
N GLY B 274 9.84 -27.85 -35.89
CA GLY B 274 11.04 -27.07 -35.68
C GLY B 274 11.52 -26.89 -34.24
N LEU B 275 11.00 -27.68 -33.30
CA LEU B 275 11.50 -27.70 -31.93
C LEU B 275 12.52 -28.81 -31.88
N ASN B 276 13.78 -28.41 -31.73
CA ASN B 276 14.89 -29.35 -31.59
C ASN B 276 16.05 -28.70 -30.84
N ARG B 277 17.04 -29.52 -30.51
CA ARG B 277 18.22 -29.12 -29.72
C ARG B 277 19.06 -27.96 -30.27
N GLY B 278 18.96 -27.68 -31.57
CA GLY B 278 19.51 -26.44 -32.18
C GLY B 278 19.16 -25.15 -31.44
N LEU B 279 17.91 -25.07 -30.97
CA LEU B 279 17.41 -23.92 -30.18
C LEU B 279 18.25 -23.70 -28.92
N ILE B 280 18.63 -24.80 -28.26
CA ILE B 280 19.47 -24.76 -27.05
C ILE B 280 20.95 -24.62 -27.39
N LEU B 281 21.39 -25.13 -28.53
CA LEU B 281 22.76 -24.90 -29.01
C LEU B 281 23.01 -23.41 -29.23
N ASP B 282 22.04 -22.69 -29.81
CA ASP B 282 22.09 -21.21 -29.87
C ASP B 282 22.22 -20.56 -28.49
N LEU B 283 21.47 -21.07 -27.51
CA LEU B 283 21.55 -20.59 -26.13
C LEU B 283 22.93 -20.82 -25.52
N LEU B 284 23.41 -22.07 -25.57
CA LEU B 284 24.74 -22.44 -25.07
C LEU B 284 25.88 -21.70 -25.81
N ASP B 285 25.66 -21.37 -27.08
CA ASP B 285 26.58 -20.52 -27.85
C ASP B 285 26.63 -19.09 -27.32
N LYS B 286 25.47 -18.54 -26.93
CA LYS B 286 25.42 -17.27 -26.16
C LYS B 286 26.10 -17.44 -24.77
N LEU B 287 27.43 -17.58 -24.76
CA LEU B 287 28.27 -17.88 -23.55
C LEU B 287 29.79 -17.86 -23.89
N ASP C 1 10.61 9.41 -31.00
CA ASP C 1 9.59 10.11 -31.85
C ASP C 1 8.28 10.31 -31.07
N PRO C 2 7.86 11.59 -30.78
CA PRO C 2 6.73 11.77 -29.85
C PRO C 2 5.36 11.44 -30.48
N ASP C 3 4.91 12.27 -31.42
CA ASP C 3 3.77 11.99 -32.31
C ASP C 3 2.44 11.81 -31.56
N ILE C 4 1.77 12.95 -31.33
CA ILE C 4 0.37 13.00 -30.89
C ILE C 4 -0.50 12.65 -32.09
N PHE C 5 -1.26 11.57 -31.97
CA PHE C 5 -1.88 10.92 -33.12
C PHE C 5 -3.19 11.64 -33.45
N ASN C 6 -3.26 12.28 -34.63
CA ASN C 6 -4.51 12.87 -35.15
C ASN C 6 -5.45 11.75 -35.65
N ARG C 7 -6.08 11.08 -34.69
CA ARG C 7 -6.84 9.84 -34.93
C ARG C 7 -7.84 9.60 -33.78
N ASP C 8 -8.89 8.85 -34.10
CA ASP C 8 -9.91 8.47 -33.12
C ASP C 8 -9.38 7.30 -32.26
N PRO C 9 -9.23 7.49 -30.93
CA PRO C 9 -8.83 6.36 -30.05
C PRO C 9 -9.91 5.28 -29.84
N ARG C 10 -11.19 5.61 -30.04
CA ARG C 10 -12.27 4.61 -30.05
C ARG C 10 -12.19 3.58 -31.20
N ASP C 11 -11.44 3.89 -32.26
CA ASP C 11 -11.02 2.89 -33.26
C ASP C 11 -10.07 1.83 -32.69
N HIS C 12 -9.12 2.26 -31.86
CA HIS C 12 -8.10 1.40 -31.24
C HIS C 12 -8.49 0.74 -29.91
N TYR C 13 -9.39 1.37 -29.13
CA TYR C 13 -9.85 0.84 -27.81
C TYR C 13 -11.38 0.84 -27.62
N ASP C 14 -11.90 -0.19 -26.97
CA ASP C 14 -13.29 -0.20 -26.47
C ASP C 14 -13.33 0.44 -25.08
N LEU C 15 -14.08 1.54 -24.93
CA LEU C 15 -14.32 2.17 -23.62
C LEU C 15 -15.26 1.27 -22.83
N LEU C 16 -14.77 0.69 -21.73
CA LEU C 16 -15.52 -0.29 -20.94
C LEU C 16 -16.42 0.44 -19.94
N GLN C 17 -15.79 1.14 -18.99
CA GLN C 17 -16.46 1.62 -17.77
C GLN C 17 -15.85 2.93 -17.29
N ARG C 18 -16.70 3.87 -16.83
CA ARG C 18 -16.25 5.14 -16.23
C ARG C 18 -15.65 4.87 -14.85
N LEU C 19 -14.50 5.50 -14.57
CA LEU C 19 -13.81 5.40 -13.26
C LEU C 19 -14.10 6.56 -12.30
N GLY C 20 -14.33 7.76 -12.84
CA GLY C 20 -14.85 8.90 -12.06
C GLY C 20 -14.21 10.22 -12.45
N GLY C 21 -14.49 11.26 -11.68
CA GLY C 21 -13.85 12.57 -11.82
C GLY C 21 -14.32 13.39 -12.99
N GLY C 22 -14.06 14.70 -12.94
CA GLY C 22 -14.46 15.62 -14.04
C GLY C 22 -13.97 17.05 -14.26
N THR C 23 -13.10 17.61 -13.40
CA THR C 23 -12.52 18.96 -13.60
C THR C 23 -11.25 18.81 -14.47
N TYR C 24 -10.25 18.14 -13.91
CA TYR C 24 -9.07 17.56 -14.66
C TYR C 24 -9.44 16.80 -15.95
N GLY C 25 -10.53 16.04 -15.89
CA GLY C 25 -11.07 15.31 -17.03
C GLY C 25 -11.93 14.15 -16.55
N GLU C 26 -12.58 13.51 -17.52
CA GLU C 26 -13.31 12.24 -17.31
C GLU C 26 -12.33 11.08 -17.64
N VAL C 27 -12.44 9.99 -16.89
CA VAL C 27 -11.47 8.87 -16.97
C VAL C 27 -12.22 7.55 -17.11
N PHE C 28 -11.88 6.81 -18.19
CA PHE C 28 -12.49 5.53 -18.50
C PHE C 28 -11.47 4.40 -18.42
N LYS C 29 -11.95 3.23 -18.00
CA LYS C 29 -11.25 1.95 -18.15
C LYS C 29 -11.46 1.50 -19.60
N ALA C 30 -10.38 1.19 -20.30
CA ALA C 30 -10.44 0.86 -21.75
C ALA C 30 -9.63 -0.39 -22.10
N ARG C 31 -10.17 -1.21 -23.01
CA ARG C 31 -9.57 -2.47 -23.48
C ARG C 31 -8.93 -2.25 -24.85
N ASP C 32 -7.72 -2.75 -25.04
CA ASP C 32 -7.00 -2.73 -26.33
C ASP C 32 -7.66 -3.79 -27.24
N LYS C 33 -8.23 -3.36 -28.38
CA LYS C 33 -9.25 -4.13 -29.15
C LYS C 33 -8.88 -5.57 -29.55
N VAL C 34 -7.64 -5.76 -30.01
CA VAL C 34 -7.13 -7.08 -30.40
C VAL C 34 -6.53 -7.84 -29.21
N SER C 35 -5.54 -7.23 -28.56
CA SER C 35 -4.77 -7.89 -27.48
C SER C 35 -5.50 -8.08 -26.12
N GLY C 36 -6.58 -7.34 -25.89
CA GLY C 36 -7.33 -7.38 -24.61
C GLY C 36 -6.66 -6.72 -23.40
N ASP C 37 -5.63 -5.91 -23.63
CA ASP C 37 -4.89 -5.22 -22.56
C ASP C 37 -5.69 -4.05 -22.00
N LEU C 38 -5.74 -3.94 -20.66
CA LEU C 38 -6.51 -2.89 -19.98
C LEU C 38 -5.65 -1.63 -19.84
N VAL C 39 -6.22 -0.46 -20.20
CA VAL C 39 -5.60 0.87 -19.98
C VAL C 39 -6.58 1.86 -19.30
N ALA C 40 -6.05 3.03 -18.93
CA ALA C 40 -6.86 4.17 -18.44
C ALA C 40 -6.77 5.29 -19.47
N LEU C 41 -7.93 5.71 -19.98
CA LEU C 41 -8.04 6.78 -20.95
C LEU C 41 -8.63 8.00 -20.25
N LYS C 42 -7.85 9.09 -20.16
CA LYS C 42 -8.32 10.37 -19.63
C LYS C 42 -8.77 11.27 -20.78
N MET C 43 -10.09 11.48 -20.87
CA MET C 43 -10.67 12.42 -21.83
C MET C 43 -10.61 13.82 -21.22
N VAL C 44 -9.98 14.75 -21.93
CA VAL C 44 -9.96 16.18 -21.57
C VAL C 44 -10.74 16.95 -22.64
N LYS C 45 -11.70 17.79 -22.22
CA LYS C 45 -12.43 18.69 -23.15
C LYS C 45 -11.55 19.88 -23.50
N MET C 46 -11.08 19.95 -24.75
CA MET C 46 -10.21 21.03 -25.25
C MET C 46 -10.99 22.19 -25.87
N GLU C 47 -10.37 23.38 -25.87
CA GLU C 47 -10.91 24.61 -26.46
C GLU C 47 -9.89 25.19 -27.48
N PRO C 48 -10.36 25.91 -28.55
CA PRO C 48 -9.49 26.27 -29.72
C PRO C 48 -8.24 27.14 -29.45
N ASP C 49 -8.23 27.89 -28.34
CA ASP C 49 -7.10 28.75 -27.93
C ASP C 49 -6.10 28.07 -26.93
N ASP C 50 -5.89 26.76 -27.10
CA ASP C 50 -4.96 25.95 -26.30
C ASP C 50 -3.79 25.54 -27.21
N ASP C 51 -2.57 25.80 -26.75
CA ASP C 51 -1.37 25.72 -27.61
C ASP C 51 -0.89 24.28 -27.77
N VAL C 52 -0.84 23.79 -29.01
CA VAL C 52 -0.39 22.41 -29.34
C VAL C 52 1.16 22.26 -29.36
N SER C 53 1.92 23.36 -29.44
CA SER C 53 3.39 23.29 -29.61
C SER C 53 4.10 22.80 -28.34
N THR C 54 3.92 23.53 -27.24
CA THR C 54 4.45 23.13 -25.92
C THR C 54 3.75 21.90 -25.31
N LEU C 55 2.50 21.64 -25.73
CA LEU C 55 1.77 20.40 -25.42
C LEU C 55 2.54 19.12 -25.78
N GLN C 56 3.17 19.12 -26.97
CA GLN C 56 4.02 18.01 -27.42
C GLN C 56 5.31 17.81 -26.60
N LYS C 57 5.92 18.91 -26.13
CA LYS C 57 7.16 18.85 -25.33
C LYS C 57 7.00 18.19 -23.94
N GLU C 58 5.84 18.40 -23.31
CA GLU C 58 5.44 17.65 -22.09
C GLU C 58 5.20 16.17 -22.38
N ILE C 59 4.50 15.91 -23.48
CA ILE C 59 4.28 14.56 -24.01
C ILE C 59 5.60 13.83 -24.38
N LEU C 60 6.58 14.58 -24.89
CA LEU C 60 7.94 14.06 -25.15
C LEU C 60 8.68 13.68 -23.86
N ILE C 61 8.53 14.49 -22.80
CA ILE C 61 9.06 14.16 -21.46
C ILE C 61 8.32 12.95 -20.86
N LEU C 62 7.00 12.89 -21.03
CA LEU C 62 6.19 11.72 -20.64
C LEU C 62 6.54 10.42 -21.38
N LYS C 63 6.90 10.52 -22.67
CA LYS C 63 7.29 9.35 -23.48
C LYS C 63 8.69 8.85 -23.09
N THR C 64 9.67 9.77 -23.04
CA THR C 64 11.06 9.47 -22.62
C THR C 64 11.21 9.06 -21.13
N CYS C 65 10.30 9.52 -20.28
CA CYS C 65 10.16 9.03 -18.89
C CYS C 65 9.73 7.55 -18.87
N ARG C 66 10.32 6.79 -17.93
CA ARG C 66 9.93 5.38 -17.69
C ARG C 66 10.03 5.02 -16.18
N HIS C 67 9.68 5.93 -15.26
CA HIS C 67 9.80 5.64 -13.81
C HIS C 67 8.64 4.78 -13.28
N ALA C 68 8.99 3.79 -12.45
CA ALA C 68 8.08 2.70 -12.08
C ALA C 68 6.96 3.12 -11.14
N ASN C 69 7.29 3.91 -10.12
CA ASN C 69 6.28 4.51 -9.22
C ASN C 69 5.38 5.64 -9.77
N ILE C 70 5.60 6.09 -11.02
CA ILE C 70 4.69 7.01 -11.72
C ILE C 70 3.89 6.25 -12.78
N VAL C 71 2.57 6.50 -12.82
CA VAL C 71 1.67 5.92 -13.84
C VAL C 71 2.24 6.09 -15.25
N ALA C 72 2.37 5.00 -15.99
CA ALA C 72 3.02 5.01 -17.33
C ALA C 72 2.15 5.69 -18.41
N TYR C 73 2.80 6.54 -19.23
CA TYR C 73 2.19 7.17 -20.40
C TYR C 73 2.36 6.26 -21.62
N HIS C 74 1.24 5.89 -22.27
CA HIS C 74 1.27 5.08 -23.51
C HIS C 74 1.15 5.93 -24.78
N GLY C 75 0.23 6.88 -24.78
CA GLY C 75 0.00 7.72 -25.96
C GLY C 75 -1.08 8.76 -25.81
N SER C 76 -1.09 9.71 -26.74
CA SER C 76 -2.10 10.77 -26.83
C SER C 76 -2.81 10.69 -28.17
N TYR C 77 -4.11 10.98 -28.16
CA TYR C 77 -4.96 11.05 -29.36
C TYR C 77 -5.82 12.33 -29.28
N LEU C 78 -6.10 12.94 -30.44
CA LEU C 78 -6.90 14.17 -30.54
C LEU C 78 -7.95 14.05 -31.64
N TRP C 79 -9.15 13.63 -31.22
CA TRP C 79 -10.36 13.75 -32.07
C TRP C 79 -11.16 15.01 -31.65
N LEU C 80 -12.45 15.10 -32.01
CA LEU C 80 -13.13 16.40 -32.26
C LEU C 80 -13.24 17.32 -31.04
N GLN C 81 -12.19 18.13 -30.84
CA GLN C 81 -11.98 18.95 -29.63
C GLN C 81 -12.03 18.10 -28.33
N LYS C 82 -11.39 16.94 -28.37
CA LYS C 82 -11.20 16.05 -27.22
C LYS C 82 -9.81 15.40 -27.29
N LEU C 83 -8.92 15.77 -26.37
CA LEU C 83 -7.67 15.07 -26.12
C LEU C 83 -7.99 13.84 -25.28
N TRP C 84 -7.42 12.70 -25.68
CA TRP C 84 -7.47 11.45 -24.93
C TRP C 84 -6.04 11.02 -24.57
N ILE C 85 -5.74 10.90 -23.27
CA ILE C 85 -4.42 10.49 -22.78
C ILE C 85 -4.52 9.02 -22.35
N CYS C 86 -3.90 8.14 -23.13
CA CYS C 86 -3.85 6.71 -22.82
C CYS C 86 -2.74 6.43 -21.81
N MET C 87 -3.09 5.75 -20.70
CA MET C 87 -2.18 5.54 -19.54
C MET C 87 -2.32 4.15 -18.92
N GLU C 88 -1.36 3.82 -18.05
CA GLU C 88 -1.39 2.59 -17.25
C GLU C 88 -2.66 2.51 -16.38
N PHE C 89 -3.25 1.31 -16.30
CA PHE C 89 -4.40 1.01 -15.46
C PHE C 89 -3.88 0.47 -14.12
N CYS C 90 -4.50 0.92 -13.02
CA CYS C 90 -4.29 0.39 -11.68
C CYS C 90 -5.63 -0.11 -11.16
N GLY C 91 -5.81 -1.42 -11.21
CA GLY C 91 -7.10 -2.08 -11.03
C GLY C 91 -7.76 -2.10 -9.67
N ALA C 92 -7.00 -1.81 -8.62
CA ALA C 92 -7.56 -1.76 -7.26
C ALA C 92 -8.03 -0.35 -6.85
N GLY C 93 -7.82 0.67 -7.70
CA GLY C 93 -8.24 2.04 -7.42
C GLY C 93 -7.22 2.77 -6.58
N SER C 94 -7.66 3.83 -5.92
CA SER C 94 -6.83 4.60 -4.97
C SER C 94 -6.82 3.90 -3.63
N LEU C 95 -5.86 4.30 -2.80
CA LEU C 95 -5.82 3.87 -1.42
C LEU C 95 -7.02 4.36 -0.61
N GLN C 96 -7.59 5.52 -0.95
CA GLN C 96 -8.86 5.97 -0.35
C GLN C 96 -10.01 4.98 -0.61
N ASP C 97 -10.17 4.59 -1.88
CA ASP C 97 -11.20 3.61 -2.26
C ASP C 97 -11.03 2.30 -1.46
N ILE C 98 -9.76 1.89 -1.28
CA ILE C 98 -9.40 0.70 -0.51
C ILE C 98 -9.69 0.84 1.00
N TYR C 99 -9.12 1.87 1.66
CA TYR C 99 -9.25 2.02 3.12
C TYR C 99 -10.68 2.25 3.59
N GLN C 100 -11.51 2.86 2.75
CA GLN C 100 -12.95 3.00 3.02
C GLN C 100 -13.72 1.68 3.15
N VAL C 101 -13.19 0.61 2.57
CA VAL C 101 -13.69 -0.76 2.76
C VAL C 101 -12.85 -1.51 3.80
N THR C 102 -11.53 -1.53 3.62
CA THR C 102 -10.65 -2.33 4.52
C THR C 102 -10.47 -1.79 5.93
N GLY C 103 -10.69 -0.50 6.13
CA GLY C 103 -10.26 0.18 7.34
C GLY C 103 -8.77 0.47 7.27
N SER C 104 -8.21 0.81 8.43
CA SER C 104 -6.86 1.39 8.52
C SER C 104 -5.80 0.41 8.10
N LEU C 105 -4.77 0.93 7.42
CA LEU C 105 -3.61 0.15 7.04
C LEU C 105 -2.76 -0.11 8.28
N SER C 106 -2.08 -1.24 8.30
CA SER C 106 -1.01 -1.52 9.28
C SER C 106 0.19 -0.59 9.07
N GLU C 107 1.03 -0.47 10.07
CA GLU C 107 2.24 0.34 9.98
C GLU C 107 3.16 -0.14 8.82
N LEU C 108 3.31 -1.46 8.65
CA LEU C 108 4.14 -2.02 7.56
C LEU C 108 3.59 -1.64 6.19
N GLN C 109 2.27 -1.78 6.00
CA GLN C 109 1.59 -1.38 4.75
C GLN C 109 1.80 0.11 4.41
N ILE C 110 1.65 0.96 5.41
CA ILE C 110 1.89 2.40 5.30
C ILE C 110 3.36 2.69 4.93
N SER C 111 4.29 1.99 5.58
CA SER C 111 5.72 2.15 5.32
C SER C 111 6.07 1.80 3.87
N TYR C 112 5.47 0.73 3.34
CA TYR C 112 5.66 0.34 1.93
C TYR C 112 5.11 1.41 0.97
N VAL C 113 3.86 1.84 1.21
CA VAL C 113 3.24 2.92 0.42
C VAL C 113 4.13 4.16 0.42
N CYS C 114 4.49 4.62 1.60
CA CYS C 114 5.42 5.78 1.75
C CYS C 114 6.75 5.65 0.97
N ARG C 115 7.37 4.48 0.98
CA ARG C 115 8.63 4.25 0.25
C ARG C 115 8.42 4.39 -1.26
N GLU C 116 7.39 3.74 -1.77
CA GLU C 116 7.03 3.82 -3.18
C GLU C 116 6.65 5.25 -3.62
N VAL C 117 5.91 5.99 -2.79
CA VAL C 117 5.59 7.41 -3.09
C VAL C 117 6.86 8.26 -3.14
N LEU C 118 7.74 8.09 -2.14
CA LEU C 118 9.01 8.84 -2.07
C LEU C 118 9.94 8.58 -3.23
N GLN C 119 9.96 7.33 -3.71
CA GLN C 119 10.67 6.99 -4.94
C GLN C 119 10.07 7.74 -6.14
N GLY C 120 8.75 7.76 -6.27
CA GLY C 120 8.06 8.62 -7.23
C GLY C 120 8.37 10.12 -7.09
N LEU C 121 8.30 10.63 -5.86
CA LEU C 121 8.60 12.06 -5.60
C LEU C 121 10.06 12.46 -5.81
N ALA C 122 11.00 11.55 -5.48
CA ALA C 122 12.43 11.73 -5.78
C ALA C 122 12.70 11.87 -7.27
N TYR C 123 11.97 11.10 -8.08
CA TYR C 123 12.02 11.20 -9.53
C TYR C 123 11.43 12.52 -10.03
N LEU C 124 10.22 12.86 -9.58
CA LEU C 124 9.53 14.10 -10.02
C LEU C 124 10.33 15.38 -9.69
N HIS C 125 10.95 15.42 -8.50
CA HIS C 125 11.73 16.59 -8.05
C HIS C 125 13.06 16.75 -8.80
N SER C 126 13.72 15.63 -9.14
CA SER C 126 14.91 15.64 -10.01
C SER C 126 14.60 16.08 -11.45
N GLN C 127 13.35 15.86 -11.89
CA GLN C 127 12.78 16.45 -13.12
C GLN C 127 12.18 17.87 -12.94
N LYS C 128 12.52 18.57 -11.85
CA LYS C 128 12.07 19.94 -11.54
C LYS C 128 10.55 20.14 -11.44
N LYS C 129 9.79 19.06 -11.20
CA LYS C 129 8.34 19.09 -11.11
C LYS C 129 7.94 18.97 -9.67
N ILE C 130 6.68 19.31 -9.40
CA ILE C 130 6.07 19.19 -8.08
C ILE C 130 4.75 18.47 -8.29
N HIS C 131 4.44 17.47 -7.47
CA HIS C 131 3.14 16.79 -7.56
C HIS C 131 1.95 17.67 -7.18
N ARG C 132 2.10 18.41 -6.07
CA ARG C 132 1.09 19.40 -5.57
C ARG C 132 -0.17 18.81 -4.89
N ASP C 133 -0.29 17.48 -4.83
CA ASP C 133 -1.57 16.84 -4.50
C ASP C 133 -1.45 15.41 -3.95
N ILE C 134 -0.44 15.20 -3.09
CA ILE C 134 -0.21 13.93 -2.46
C ILE C 134 -1.32 13.74 -1.42
N LYS C 135 -2.20 12.81 -1.73
CA LYS C 135 -3.23 12.33 -0.81
C LYS C 135 -3.59 10.88 -1.15
N GLY C 136 -4.16 10.19 -0.17
CA GLY C 136 -4.73 8.85 -0.35
C GLY C 136 -5.45 8.62 -1.68
N ALA C 137 -6.37 9.53 -2.05
CA ALA C 137 -7.15 9.41 -3.32
C ALA C 137 -6.35 9.43 -4.64
N ASN C 138 -5.11 9.95 -4.60
CA ASN C 138 -4.23 10.05 -5.78
C ASN C 138 -3.02 9.08 -5.75
N ILE C 139 -2.96 8.18 -4.76
CA ILE C 139 -2.00 7.09 -4.71
C ILE C 139 -2.80 5.89 -5.18
N LEU C 140 -2.46 5.37 -6.37
CA LEU C 140 -3.15 4.23 -6.98
C LEU C 140 -2.43 2.89 -6.72
N ILE C 141 -3.21 1.82 -6.75
CA ILE C 141 -2.76 0.47 -6.42
C ILE C 141 -3.21 -0.44 -7.56
N ASN C 142 -2.27 -1.12 -8.22
CA ASN C 142 -2.60 -2.11 -9.29
C ASN C 142 -2.87 -3.47 -8.69
N ASP C 143 -3.22 -4.44 -9.55
CA ASP C 143 -3.61 -5.78 -9.11
C ASP C 143 -2.44 -6.59 -8.53
N ALA C 144 -1.22 -6.27 -8.98
CA ALA C 144 0.04 -6.80 -8.43
C ALA C 144 0.43 -6.29 -7.04
N GLY C 145 -0.28 -5.29 -6.50
CA GLY C 145 0.01 -4.70 -5.18
C GLY C 145 1.02 -3.56 -5.21
N GLU C 146 1.28 -3.04 -6.41
CA GLU C 146 2.26 -2.01 -6.62
C GLU C 146 1.59 -0.63 -6.57
N VAL C 147 2.43 0.37 -6.31
CA VAL C 147 1.99 1.71 -5.92
C VAL C 147 2.39 2.70 -7.02
N ARG C 148 1.41 3.46 -7.50
CA ARG C 148 1.58 4.40 -8.60
C ARG C 148 1.01 5.74 -8.20
N LEU C 149 1.79 6.82 -8.38
CA LEU C 149 1.28 8.20 -8.35
C LEU C 149 0.69 8.56 -9.72
N ALA C 150 -0.41 9.32 -9.70
CA ALA C 150 -1.01 9.88 -10.92
C ALA C 150 -0.15 11.02 -11.51
N ASP C 151 -0.57 11.57 -12.64
CA ASP C 151 0.06 12.76 -13.23
C ASP C 151 -1.03 13.69 -13.79
N PHE C 152 -1.31 14.78 -13.04
CA PHE C 152 -2.23 15.86 -13.46
C PHE C 152 -1.42 17.04 -14.05
N GLY C 153 -0.47 16.72 -14.94
CA GLY C 153 0.58 17.65 -15.35
C GLY C 153 0.14 18.47 -16.53
N ILE C 154 0.14 17.83 -17.70
CA ILE C 154 -0.31 18.44 -18.97
C ILE C 154 -1.84 18.70 -19.00
N SER C 155 -2.63 17.86 -18.33
CA SER C 155 -4.07 18.07 -18.15
C SER C 155 -4.45 19.35 -17.39
N ALA C 156 -3.61 19.78 -16.45
CA ALA C 156 -3.77 21.08 -15.75
C ALA C 156 -3.53 22.31 -16.66
N GLN C 157 -2.61 22.19 -17.62
CA GLN C 157 -2.27 23.28 -18.57
C GLN C 157 -3.31 23.58 -19.69
N ILE C 158 -4.37 22.77 -19.83
CA ILE C 158 -5.44 22.96 -20.85
C ILE C 158 -6.84 22.59 -20.36
N GLY C 159 -7.86 22.99 -21.12
CA GLY C 159 -9.24 22.53 -20.91
C GLY C 159 -10.02 23.25 -19.82
N ALA C 160 -10.93 22.52 -19.17
CA ALA C 160 -11.86 23.08 -18.14
C ALA C 160 -11.23 23.29 -16.76
N GLU C 161 -10.21 22.50 -16.39
CA GLU C 161 -9.40 22.76 -15.19
C GLU C 161 -8.52 24.02 -15.35
N LEU C 162 -7.99 24.23 -16.56
CA LEU C 162 -7.25 25.46 -16.91
C LEU C 162 -8.17 26.70 -16.91
N ALA C 163 -9.38 26.56 -17.47
CA ALA C 163 -10.39 27.65 -17.47
C ALA C 163 -10.87 28.03 -16.06
N ARG C 164 -10.98 27.04 -15.17
CA ARG C 164 -11.29 27.24 -13.75
C ARG C 164 -10.19 28.02 -13.03
N ARG C 165 -8.93 27.63 -13.26
CA ARG C 165 -7.77 28.32 -12.70
C ARG C 165 -7.63 29.78 -13.16
N LEU C 166 -8.08 30.08 -14.39
CA LEU C 166 -8.16 31.46 -14.91
C LEU C 166 -9.32 32.28 -14.32
N GLU C 167 -10.50 31.66 -14.12
CA GLU C 167 -11.71 32.37 -13.57
C GLU C 167 -11.49 32.90 -12.15
N PHE C 168 -10.86 32.10 -11.30
CA PHE C 168 -10.59 32.48 -9.90
C PHE C 168 -9.45 33.47 -9.77
N ILE C 169 -8.40 33.30 -10.58
CA ILE C 169 -7.32 34.31 -10.75
C ILE C 169 -7.86 35.70 -11.21
N GLY C 170 -8.90 35.68 -12.06
CA GLY C 170 -9.54 36.90 -12.58
C GLY C 170 -8.67 37.51 -13.67
N THR C 171 -9.26 38.46 -14.43
CA THR C 171 -8.54 39.19 -15.51
C THR C 171 -7.14 39.60 -15.05
N PRO C 172 -6.08 39.21 -15.78
CA PRO C 172 -4.70 39.50 -15.35
C PRO C 172 -4.13 40.85 -15.76
N TYR C 173 -4.88 41.66 -16.51
CA TYR C 173 -4.30 42.81 -17.25
C TYR C 173 -3.76 43.94 -16.33
N TRP C 174 -4.41 44.14 -15.19
CA TRP C 174 -4.00 45.14 -14.19
C TRP C 174 -3.05 44.58 -13.11
N MET C 175 -2.79 43.27 -13.15
CA MET C 175 -2.06 42.53 -12.12
C MET C 175 -0.55 42.78 -12.28
N ALA C 176 0.17 43.00 -11.18
CA ALA C 176 1.63 43.21 -11.22
C ALA C 176 2.39 41.88 -11.46
N PRO C 177 3.66 41.93 -11.93
CA PRO C 177 4.38 40.69 -12.30
C PRO C 177 4.53 39.67 -11.17
N GLU C 178 5.00 40.14 -10.01
CA GLU C 178 5.10 39.35 -8.78
C GLU C 178 3.78 38.74 -8.31
N VAL C 179 2.68 39.44 -8.59
CA VAL C 179 1.33 38.95 -8.27
C VAL C 179 0.94 37.84 -9.26
N ALA C 180 1.23 38.05 -10.54
CA ALA C 180 1.03 37.04 -11.59
C ALA C 180 1.89 35.78 -11.40
N ALA C 181 3.14 35.97 -10.98
CA ALA C 181 4.09 34.89 -10.69
C ALA C 181 3.57 33.95 -9.63
N VAL C 182 3.10 34.52 -8.53
CA VAL C 182 2.47 33.76 -7.45
C VAL C 182 1.11 33.16 -7.88
N ALA C 183 0.33 33.87 -8.69
CA ALA C 183 -0.93 33.32 -9.24
C ALA C 183 -0.77 32.08 -10.14
N LEU C 184 0.40 31.92 -10.78
CA LEU C 184 0.74 30.74 -11.59
C LEU C 184 1.31 29.62 -10.72
N LYS C 185 2.43 29.89 -10.06
CA LYS C 185 3.15 28.92 -9.19
C LYS C 185 2.36 28.45 -7.95
N GLY C 186 1.80 29.43 -7.23
CA GLY C 186 1.30 29.22 -5.86
C GLY C 186 2.46 29.41 -4.90
N GLY C 187 2.27 28.85 -3.70
CA GLY C 187 3.35 28.63 -2.73
C GLY C 187 4.03 27.26 -2.82
N TYR C 188 3.50 26.41 -3.72
CA TYR C 188 4.07 25.10 -4.04
C TYR C 188 5.55 25.24 -4.43
N ASN C 189 6.44 24.72 -3.57
CA ASN C 189 7.80 24.30 -3.96
C ASN C 189 7.85 22.76 -3.84
N GLU C 190 8.99 22.15 -4.17
CA GLU C 190 9.11 20.66 -4.16
C GLU C 190 8.84 20.00 -2.80
N LEU C 191 9.27 20.66 -1.73
CA LEU C 191 9.22 20.09 -0.38
C LEU C 191 7.81 20.03 0.24
N CYS C 192 6.82 20.71 -0.34
CA CYS C 192 5.42 20.59 0.11
C CYS C 192 4.82 19.19 -0.11
N ASP C 193 5.28 18.48 -1.16
CA ASP C 193 4.94 17.06 -1.35
C ASP C 193 5.34 16.15 -0.18
N ILE C 194 6.46 16.48 0.48
CA ILE C 194 6.94 15.71 1.65
C ILE C 194 6.00 15.90 2.85
N TRP C 195 5.65 17.16 3.15
CA TRP C 195 4.60 17.48 4.12
C TRP C 195 3.34 16.70 3.78
N SER C 196 2.87 16.85 2.55
CA SER C 196 1.64 16.19 2.10
C SER C 196 1.67 14.68 2.30
N LEU C 197 2.83 14.05 2.09
CA LEU C 197 2.98 12.61 2.36
C LEU C 197 2.89 12.31 3.85
N GLY C 198 3.48 13.18 4.68
CA GLY C 198 3.36 13.11 6.14
C GLY C 198 1.91 13.04 6.59
N ILE C 199 1.08 13.90 6.02
CA ILE C 199 -0.36 13.94 6.30
C ILE C 199 -1.04 12.71 5.71
N THR C 200 -0.62 12.29 4.52
CA THR C 200 -1.16 11.06 3.89
C THR C 200 -0.93 9.82 4.78
N ALA C 201 0.26 9.70 5.35
CA ALA C 201 0.60 8.63 6.31
C ALA C 201 -0.33 8.56 7.50
N ILE C 202 -0.67 9.73 8.05
CA ILE C 202 -1.70 9.85 9.11
C ILE C 202 -3.05 9.44 8.55
N GLU C 203 -3.38 9.91 7.34
CA GLU C 203 -4.67 9.56 6.69
C GLU C 203 -4.88 8.06 6.57
N LEU C 204 -3.86 7.37 6.06
CA LEU C 204 -3.86 5.92 5.94
C LEU C 204 -3.95 5.24 7.31
N ALA C 205 -3.23 5.81 8.29
CA ALA C 205 -3.30 5.33 9.68
C ALA C 205 -4.67 5.46 10.35
N GLU C 206 -5.40 6.55 10.07
CA GLU C 206 -6.60 6.93 10.87
C GLU C 206 -7.90 7.19 10.07
N LEU C 207 -7.91 6.89 8.77
CA LEU C 207 -9.04 7.11 7.84
C LEU C 207 -9.40 8.55 7.47
N GLN C 208 -8.61 9.54 7.94
CA GLN C 208 -8.93 10.97 7.80
C GLN C 208 -7.62 11.74 7.92
N PRO C 209 -7.47 12.87 7.20
CA PRO C 209 -6.34 13.73 7.50
C PRO C 209 -6.60 14.42 8.85
N PRO C 210 -5.57 14.99 9.51
CA PRO C 210 -5.82 15.81 10.71
C PRO C 210 -6.72 17.03 10.41
N LEU C 211 -7.55 17.38 11.38
CA LEU C 211 -8.51 18.50 11.30
C LEU C 211 -9.65 18.32 10.27
N PHE C 212 -9.93 17.08 9.84
CA PHE C 212 -11.00 16.78 8.83
C PHE C 212 -12.40 17.24 9.25
N ASP C 213 -12.66 17.28 10.56
CA ASP C 213 -13.93 17.81 11.12
C ASP C 213 -13.95 19.34 11.41
N VAL C 214 -12.88 20.05 11.03
CA VAL C 214 -12.72 21.50 11.19
C VAL C 214 -12.86 22.11 9.80
N HIS C 215 -13.46 23.31 9.76
CA HIS C 215 -13.76 24.02 8.50
C HIS C 215 -12.47 24.43 7.75
N PRO C 216 -12.42 24.31 6.39
CA PRO C 216 -11.24 24.62 5.59
C PRO C 216 -10.52 25.94 5.88
N LEU C 217 -11.30 27.01 6.00
CA LEU C 217 -10.79 28.34 6.34
C LEU C 217 -10.09 28.40 7.69
N ARG C 218 -10.77 27.87 8.72
CA ARG C 218 -10.22 27.79 10.08
C ARG C 218 -8.88 27.07 10.11
N VAL C 219 -8.79 26.00 9.31
CA VAL C 219 -7.55 25.21 9.17
C VAL C 219 -6.45 26.04 8.50
N LEU C 220 -6.80 26.77 7.43
CA LEU C 220 -5.84 27.67 6.74
C LEU C 220 -5.26 28.75 7.65
N PHE C 221 -6.12 29.39 8.46
CA PHE C 221 -5.67 30.41 9.41
C PHE C 221 -4.83 29.84 10.57
N LEU C 222 -5.21 28.66 11.07
CA LEU C 222 -4.48 27.99 12.16
C LEU C 222 -3.07 27.63 11.72
N MET C 223 -2.96 26.94 10.57
CA MET C 223 -1.68 26.59 9.91
C MET C 223 -0.68 27.74 9.71
N THR C 224 -1.21 28.91 9.35
CA THR C 224 -0.39 30.09 9.06
C THR C 224 0.04 30.88 10.30
N LYS C 225 -0.75 30.83 11.38
CA LYS C 225 -0.42 31.58 12.62
C LYS C 225 0.79 30.97 13.34
N SER C 226 1.56 31.84 14.00
CA SER C 226 2.98 31.59 14.36
C SER C 226 3.24 30.36 15.23
N GLY C 227 2.39 30.16 16.24
CA GLY C 227 2.50 29.01 17.15
C GLY C 227 1.76 27.75 16.74
N TYR C 228 1.63 27.50 15.43
CA TYR C 228 0.98 26.29 14.93
C TYR C 228 1.87 25.09 15.20
N GLN C 229 1.38 24.19 16.06
CA GLN C 229 1.99 22.87 16.23
C GLN C 229 1.54 21.98 15.05
N PRO C 230 2.49 21.30 14.37
CA PRO C 230 2.07 20.33 13.34
C PRO C 230 1.26 19.17 13.93
N PRO C 231 0.46 18.47 13.09
CA PRO C 231 -0.24 17.27 13.58
C PRO C 231 0.68 16.11 13.97
N ARG C 232 0.06 15.17 14.70
CA ARG C 232 0.66 13.92 15.14
C ARG C 232 -0.41 12.84 15.06
N LEU C 233 0.03 11.60 15.21
CA LEU C 233 -0.88 10.46 15.35
C LEU C 233 -1.57 10.51 16.71
N LYS C 234 -2.88 10.21 16.73
CA LYS C 234 -3.71 10.14 17.95
C LYS C 234 -3.17 9.15 19.00
N GLU C 235 -2.88 7.92 18.57
CA GLU C 235 -2.71 6.77 19.46
C GLU C 235 -1.24 6.35 19.56
N LYS C 236 -0.49 7.01 20.43
CA LYS C 236 0.99 6.82 20.56
C LYS C 236 1.50 5.36 20.69
N GLY C 237 0.80 4.56 21.49
CA GLY C 237 1.14 3.14 21.72
C GLY C 237 1.01 2.18 20.55
N LYS C 238 0.02 2.44 19.69
CA LYS C 238 -0.25 1.60 18.51
C LYS C 238 0.87 1.61 17.46
N TRP C 239 1.57 2.74 17.32
CA TRP C 239 2.59 2.94 16.29
C TRP C 239 4.01 2.96 16.92
N SER C 240 5.01 2.58 16.14
CA SER C 240 6.41 2.58 16.61
C SER C 240 6.97 4.00 16.65
N ALA C 241 8.04 4.18 17.42
CA ALA C 241 8.79 5.44 17.51
C ALA C 241 9.30 5.96 16.15
N ALA C 242 9.69 5.02 15.27
CA ALA C 242 10.14 5.36 13.92
C ALA C 242 9.04 5.97 13.05
N PHE C 243 7.81 5.49 13.18
CA PHE C 243 6.64 6.08 12.50
C PHE C 243 6.37 7.49 13.04
N HIS C 244 6.40 7.65 14.38
CA HIS C 244 6.28 8.96 15.02
C HIS C 244 7.34 9.96 14.54
N ASN C 245 8.59 9.51 14.42
CA ASN C 245 9.68 10.34 13.91
C ASN C 245 9.48 10.69 12.44
N PHE C 246 9.02 9.73 11.62
CA PHE C 246 8.67 9.98 10.21
C PHE C 246 7.60 11.09 10.08
N ILE C 247 6.58 11.04 10.94
CA ILE C 247 5.56 12.09 10.99
C ILE C 247 6.16 13.42 11.51
N LYS C 248 6.99 13.37 12.57
CA LYS C 248 7.61 14.58 13.13
C LYS C 248 8.47 15.34 12.11
N VAL C 249 9.36 14.61 11.41
CA VAL C 249 10.30 15.24 10.47
C VAL C 249 9.64 15.65 9.13
N THR C 250 8.74 14.81 8.61
CA THR C 250 7.99 15.18 7.38
C THR C 250 7.11 16.39 7.59
N LEU C 251 6.48 16.46 8.77
CA LEU C 251 5.64 17.61 9.16
C LEU C 251 6.43 18.69 9.95
N THR C 252 7.59 19.07 9.39
CA THR C 252 8.33 20.24 9.82
C THR C 252 7.66 21.43 9.16
N LYS C 253 7.33 22.45 9.94
CA LYS C 253 6.72 23.69 9.46
C LYS C 253 7.68 24.45 8.52
N SER C 254 8.93 24.62 8.97
CA SER C 254 9.95 25.35 8.21
C SER C 254 10.40 24.57 6.95
N PRO C 255 10.13 25.10 5.73
CA PRO C 255 10.55 24.39 4.50
C PRO C 255 12.07 24.19 4.35
N LYS C 256 12.86 25.19 4.77
CA LYS C 256 14.34 25.10 4.78
C LYS C 256 14.88 23.90 5.59
N LYS C 257 14.26 23.62 6.74
CA LYS C 257 14.62 22.50 7.62
C LYS C 257 13.97 21.14 7.26
N ARG C 258 12.96 21.12 6.38
CA ARG C 258 12.19 19.90 6.08
C ARG C 258 12.96 18.98 5.10
N PRO C 259 13.04 17.66 5.39
CA PRO C 259 13.89 16.79 4.54
C PRO C 259 13.31 16.53 3.15
N SER C 260 14.18 16.41 2.14
CA SER C 260 13.78 16.09 0.76
C SER C 260 13.39 14.62 0.61
N ALA C 261 12.84 14.28 -0.56
CA ALA C 261 12.46 12.90 -0.87
C ALA C 261 13.63 11.92 -0.78
N THR C 262 14.79 12.32 -1.32
CA THR C 262 16.01 11.50 -1.29
C THR C 262 16.47 11.25 0.15
N LYS C 263 16.60 12.34 0.93
CA LYS C 263 16.89 12.26 2.38
C LYS C 263 15.93 11.33 3.14
N MET C 264 14.63 11.45 2.84
CA MET C 264 13.58 10.63 3.48
C MET C 264 13.66 9.14 3.12
N LEU C 265 14.12 8.78 1.93
CA LEU C 265 14.23 7.37 1.52
C LEU C 265 15.25 6.54 2.34
N SER C 266 16.28 7.21 2.87
CA SER C 266 17.22 6.60 3.84
C SER C 266 16.77 6.74 5.32
N HIS C 267 15.50 7.10 5.56
CA HIS C 267 14.92 7.11 6.91
C HIS C 267 14.53 5.67 7.29
N GLN C 268 14.55 5.40 8.60
CA GLN C 268 14.36 4.07 9.16
C GLN C 268 13.07 3.37 8.75
N LEU C 269 11.95 4.05 8.95
CA LEU C 269 10.62 3.56 8.57
C LEU C 269 10.53 2.95 7.17
N VAL C 270 11.12 3.63 6.19
CA VAL C 270 11.04 3.24 4.75
C VAL C 270 12.26 2.51 4.18
N SER C 271 13.41 2.57 4.87
CA SER C 271 14.61 1.79 4.51
C SER C 271 14.71 0.41 5.17
N GLN C 272 13.73 0.03 6.02
CA GLN C 272 13.71 -1.29 6.68
C GLN C 272 13.47 -2.40 5.64
N PRO C 273 14.01 -3.62 5.89
CA PRO C 273 13.71 -4.74 4.99
C PRO C 273 12.28 -5.26 5.15
N GLY C 274 11.89 -6.15 4.25
CA GLY C 274 10.56 -6.72 4.25
C GLY C 274 9.40 -5.83 3.85
N LEU C 275 9.68 -4.69 3.22
CA LEU C 275 8.64 -3.84 2.64
C LEU C 275 8.59 -4.22 1.18
N ASN C 276 7.48 -4.86 0.81
CA ASN C 276 7.21 -5.21 -0.59
C ASN C 276 5.72 -5.34 -0.86
N ARG C 277 5.36 -5.52 -2.12
CA ARG C 277 3.96 -5.60 -2.59
C ARG C 277 3.08 -6.69 -1.95
N GLY C 278 3.69 -7.72 -1.37
CA GLY C 278 2.98 -8.70 -0.50
C GLY C 278 2.09 -8.07 0.58
N LEU C 279 2.60 -7.00 1.19
CA LEU C 279 1.84 -6.20 2.19
C LEU C 279 0.53 -5.67 1.63
N ILE C 280 0.55 -5.21 0.38
CA ILE C 280 -0.64 -4.71 -0.33
C ILE C 280 -1.49 -5.83 -0.91
N LEU C 281 -0.89 -6.97 -1.27
CA LEU C 281 -1.66 -8.15 -1.66
C LEU C 281 -2.55 -8.62 -0.52
N ASP C 282 -2.02 -8.62 0.72
CA ASP C 282 -2.85 -8.85 1.93
C ASP C 282 -4.01 -7.85 2.05
N LEU C 283 -3.73 -6.58 1.77
CA LEU C 283 -4.76 -5.52 1.79
C LEU C 283 -5.84 -5.76 0.74
N LEU C 284 -5.44 -5.95 -0.52
CA LEU C 284 -6.36 -6.25 -1.63
C LEU C 284 -7.15 -7.55 -1.42
N ASP C 285 -6.54 -8.52 -0.72
CA ASP C 285 -7.24 -9.74 -0.28
C ASP C 285 -8.35 -9.43 0.76
N LYS C 286 -8.03 -8.54 1.70
CA LYS C 286 -9.01 -8.04 2.68
C LYS C 286 -10.19 -7.30 2.03
N LEU C 287 -9.96 -6.61 0.89
CA LEU C 287 -11.04 -5.99 0.10
C LEU C 287 -12.08 -7.00 -0.41
N LYS C 288 -11.62 -8.17 -0.86
CA LYS C 288 -12.54 -9.30 -1.20
C LYS C 288 -12.87 -10.15 0.05
N ASN C 289 -13.67 -9.56 0.95
CA ASN C 289 -13.98 -10.14 2.27
C ASN C 289 -15.25 -9.51 2.87
N PRO D 2 -18.29 50.33 16.74
CA PRO D 2 -18.95 49.83 15.54
C PRO D 2 -20.48 49.96 15.57
N ASP D 3 -21.15 49.22 16.47
CA ASP D 3 -22.61 49.21 16.65
C ASP D 3 -23.40 48.87 15.35
N ILE D 4 -23.46 47.57 15.05
CA ILE D 4 -24.27 47.02 13.95
C ILE D 4 -25.73 47.02 14.45
N PHE D 5 -26.60 47.79 13.78
CA PHE D 5 -27.99 47.93 14.18
C PHE D 5 -28.80 46.69 13.78
N ASN D 6 -29.29 45.94 14.77
CA ASN D 6 -29.98 44.66 14.55
C ASN D 6 -31.42 44.93 14.06
N ARG D 7 -31.54 45.32 12.78
CA ARG D 7 -32.78 45.91 12.24
C ARG D 7 -32.85 45.77 10.71
N ASP D 8 -34.07 45.81 10.17
CA ASP D 8 -34.31 45.78 8.72
C ASP D 8 -33.99 47.17 8.12
N PRO D 9 -33.00 47.25 7.21
CA PRO D 9 -32.69 48.57 6.58
C PRO D 9 -33.72 49.09 5.57
N ARG D 10 -34.58 48.21 5.04
CA ARG D 10 -35.74 48.64 4.20
C ARG D 10 -36.79 49.49 4.97
N ASP D 11 -36.79 49.41 6.30
CA ASP D 11 -37.53 50.35 7.16
C ASP D 11 -36.98 51.78 7.09
N HIS D 12 -35.65 51.90 7.08
CA HIS D 12 -34.94 53.21 7.08
C HIS D 12 -34.65 53.79 5.69
N TYR D 13 -34.47 52.95 4.66
CA TYR D 13 -34.20 53.41 3.25
C TYR D 13 -35.12 52.74 2.21
N ASP D 14 -35.55 53.49 1.19
CA ASP D 14 -36.13 52.93 -0.05
C ASP D 14 -34.98 52.58 -1.00
N LEU D 15 -34.84 51.30 -1.35
CA LEU D 15 -33.93 50.86 -2.42
C LEU D 15 -34.47 51.37 -3.77
N LEU D 16 -33.70 52.25 -4.40
CA LEU D 16 -34.10 52.89 -5.65
C LEU D 16 -33.77 51.97 -6.83
N GLN D 17 -32.47 51.73 -7.03
CA GLN D 17 -31.93 51.16 -8.26
C GLN D 17 -30.71 50.30 -7.93
N ARG D 18 -30.61 49.15 -8.59
CA ARG D 18 -29.43 48.28 -8.49
C ARG D 18 -28.27 48.90 -9.26
N LEU D 19 -27.09 48.92 -8.63
CA LEU D 19 -25.86 49.50 -9.24
C LEU D 19 -24.89 48.45 -9.81
N GLY D 20 -24.84 47.27 -9.19
CA GLY D 20 -23.96 46.18 -9.61
C GLY D 20 -23.86 45.11 -8.55
N GLY D 21 -22.94 44.19 -8.81
CA GLY D 21 -22.70 43.06 -7.94
C GLY D 21 -22.23 41.80 -8.64
N GLY D 22 -21.84 40.83 -7.82
CA GLY D 22 -21.75 39.44 -8.27
C GLY D 22 -21.55 38.51 -7.11
N THR D 23 -20.30 38.38 -6.70
CA THR D 23 -19.87 37.39 -5.74
C THR D 23 -20.00 37.91 -4.31
N TYR D 24 -19.34 39.03 -4.01
CA TYR D 24 -19.52 39.84 -2.77
C TYR D 24 -20.98 40.07 -2.35
N GLY D 25 -21.84 40.34 -3.33
CA GLY D 25 -23.28 40.56 -3.14
C GLY D 25 -23.78 41.69 -4.00
N GLU D 26 -24.90 42.31 -3.62
CA GLU D 26 -25.54 43.36 -4.42
C GLU D 26 -25.20 44.73 -3.84
N VAL D 27 -25.05 45.73 -4.71
CA VAL D 27 -24.98 47.15 -4.31
C VAL D 27 -26.16 47.90 -4.93
N PHE D 28 -26.93 48.58 -4.07
CA PHE D 28 -28.06 49.42 -4.47
C PHE D 28 -27.80 50.90 -4.21
N LYS D 29 -28.38 51.75 -5.04
CA LYS D 29 -28.65 53.16 -4.75
C LYS D 29 -29.87 53.19 -3.84
N ALA D 30 -29.75 53.86 -2.68
CA ALA D 30 -30.85 53.95 -1.70
C ALA D 30 -31.06 55.38 -1.21
N ARG D 31 -32.33 55.76 -1.01
CA ARG D 31 -32.76 57.07 -0.53
C ARG D 31 -33.13 56.98 0.95
N ASP D 32 -32.62 57.91 1.75
CA ASP D 32 -32.94 57.98 3.19
C ASP D 32 -34.36 58.55 3.33
N LYS D 33 -35.26 57.77 3.95
CA LYS D 33 -36.73 57.92 3.77
C LYS D 33 -37.33 59.31 4.06
N VAL D 34 -36.87 59.94 5.15
CA VAL D 34 -37.32 61.28 5.56
C VAL D 34 -36.44 62.36 4.93
N SER D 35 -35.13 62.28 5.19
CA SER D 35 -34.16 63.33 4.78
C SER D 35 -33.85 63.44 3.25
N GLY D 36 -34.15 62.39 2.48
CA GLY D 36 -33.86 62.37 1.05
C GLY D 36 -32.41 62.24 0.61
N ASP D 37 -31.52 61.86 1.53
CA ASP D 37 -30.09 61.67 1.25
C ASP D 37 -29.89 60.36 0.48
N LEU D 38 -29.12 60.43 -0.60
CA LEU D 38 -28.77 59.27 -1.41
C LEU D 38 -27.55 58.55 -0.80
N VAL D 39 -27.69 57.23 -0.60
CA VAL D 39 -26.58 56.36 -0.16
C VAL D 39 -26.36 55.18 -1.10
N ALA D 40 -25.24 54.49 -0.87
CA ALA D 40 -24.94 53.18 -1.45
C ALA D 40 -25.10 52.11 -0.36
N LEU D 41 -26.00 51.16 -0.60
CA LEU D 41 -26.20 50.02 0.32
C LEU D 41 -25.60 48.78 -0.30
N LYS D 42 -24.51 48.26 0.27
CA LYS D 42 -23.90 46.98 -0.15
C LYS D 42 -24.51 45.86 0.69
N MET D 43 -25.36 45.04 0.07
CA MET D 43 -25.91 43.81 0.69
C MET D 43 -24.90 42.69 0.51
N VAL D 44 -24.47 42.11 1.62
CA VAL D 44 -23.55 40.96 1.65
C VAL D 44 -24.33 39.74 2.15
N LYS D 45 -24.23 38.63 1.41
CA LYS D 45 -24.74 37.33 1.81
C LYS D 45 -23.87 36.72 2.94
N MET D 46 -24.43 36.63 4.15
CA MET D 46 -23.74 35.97 5.28
C MET D 46 -24.18 34.51 5.44
N GLU D 47 -23.25 33.68 5.92
CA GLU D 47 -23.40 32.20 6.03
C GLU D 47 -22.96 31.71 7.43
N PRO D 48 -23.54 30.60 7.96
CA PRO D 48 -23.52 30.29 9.41
C PRO D 48 -22.17 30.14 10.12
N ASP D 49 -21.12 29.78 9.39
CA ASP D 49 -19.75 29.58 9.96
C ASP D 49 -18.82 30.82 9.85
N ASP D 50 -19.41 32.02 9.93
CA ASP D 50 -18.71 33.30 9.82
C ASP D 50 -18.77 33.99 11.19
N ASP D 51 -17.61 34.41 11.72
CA ASP D 51 -17.50 34.96 13.08
C ASP D 51 -17.98 36.42 13.14
N VAL D 52 -19.00 36.69 13.97
CA VAL D 52 -19.52 38.05 14.20
C VAL D 52 -18.64 38.94 15.12
N SER D 53 -17.75 38.33 15.92
CA SER D 53 -16.87 39.06 16.84
C SER D 53 -15.82 39.92 16.12
N THR D 54 -15.00 39.28 15.29
CA THR D 54 -14.02 39.96 14.45
C THR D 54 -14.63 40.80 13.31
N LEU D 55 -15.85 40.44 12.88
CA LEU D 55 -16.65 41.26 11.93
C LEU D 55 -16.88 42.70 12.40
N GLN D 56 -17.18 42.86 13.69
CA GLN D 56 -17.33 44.19 14.32
C GLN D 56 -16.04 45.01 14.40
N LYS D 57 -14.89 44.35 14.60
CA LYS D 57 -13.57 45.02 14.66
C LYS D 57 -13.12 45.67 13.33
N GLU D 58 -13.47 45.04 12.20
CA GLU D 58 -13.32 45.67 10.85
C GLU D 58 -14.25 46.87 10.67
N ILE D 59 -15.50 46.70 11.10
CA ILE D 59 -16.52 47.79 11.14
C ILE D 59 -16.09 48.96 12.06
N LEU D 60 -15.41 48.64 13.17
CA LEU D 60 -14.79 49.66 14.06
C LEU D 60 -13.64 50.43 13.35
N ILE D 61 -12.83 49.72 12.57
CA ILE D 61 -11.80 50.32 11.70
C ILE D 61 -12.41 51.18 10.59
N LEU D 62 -13.50 50.70 9.98
CA LEU D 62 -14.31 51.47 9.02
C LEU D 62 -14.95 52.74 9.60
N LYS D 63 -15.39 52.69 10.86
CA LYS D 63 -15.98 53.84 11.54
C LYS D 63 -14.92 54.89 11.90
N THR D 64 -13.85 54.44 12.56
CA THR D 64 -12.73 55.31 12.98
C THR D 64 -11.88 55.87 11.83
N CYS D 65 -11.84 55.16 10.70
CA CYS D 65 -11.28 55.68 9.43
C CYS D 65 -12.15 56.84 8.90
N ARG D 66 -11.49 57.88 8.35
CA ARG D 66 -12.15 59.09 7.83
C ARG D 66 -11.39 59.75 6.62
N HIS D 67 -10.70 58.96 5.79
CA HIS D 67 -9.94 59.52 4.64
C HIS D 67 -10.83 59.88 3.44
N ALA D 68 -10.53 61.01 2.79
CA ALA D 68 -11.42 61.65 1.81
C ALA D 68 -11.50 60.90 0.48
N ASN D 69 -10.37 60.44 -0.04
CA ASN D 69 -10.32 59.58 -1.25
C ASN D 69 -10.83 58.10 -1.11
N ILE D 70 -11.23 57.67 0.10
CA ILE D 70 -11.90 56.38 0.34
C ILE D 70 -13.39 56.66 0.61
N VAL D 71 -14.26 55.86 -0.02
CA VAL D 71 -15.73 55.92 0.17
C VAL D 71 -16.07 55.90 1.66
N ALA D 72 -16.87 56.87 2.12
CA ALA D 72 -17.26 56.98 3.53
C ALA D 72 -18.24 55.89 3.98
N TYR D 73 -17.97 55.31 5.16
CA TYR D 73 -18.87 54.39 5.86
C TYR D 73 -19.85 55.19 6.74
N HIS D 74 -21.15 54.99 6.52
CA HIS D 74 -22.22 55.61 7.34
C HIS D 74 -22.74 54.71 8.46
N GLY D 75 -22.97 53.44 8.15
CA GLY D 75 -23.46 52.48 9.15
C GLY D 75 -23.70 51.07 8.63
N SER D 76 -23.91 50.14 9.58
CA SER D 76 -24.21 48.74 9.31
C SER D 76 -25.59 48.36 9.81
N TYR D 77 -26.27 47.49 9.06
CA TYR D 77 -27.46 46.79 9.50
C TYR D 77 -27.27 45.28 9.29
N LEU D 78 -27.84 44.49 10.21
CA LEU D 78 -27.84 43.02 10.13
C LEU D 78 -29.26 42.47 10.32
N TRP D 79 -29.96 42.31 9.21
CA TRP D 79 -31.23 41.59 9.13
C TRP D 79 -30.97 40.19 8.55
N LEU D 80 -31.97 39.55 7.95
CA LEU D 80 -32.11 38.08 7.96
C LEU D 80 -31.00 37.33 7.21
N GLN D 81 -29.92 37.03 7.94
CA GLN D 81 -28.65 36.51 7.38
C GLN D 81 -28.08 37.39 6.23
N LYS D 82 -28.13 38.70 6.47
CA LYS D 82 -27.76 39.72 5.49
C LYS D 82 -27.10 40.90 6.19
N LEU D 83 -25.80 41.08 5.97
CA LEU D 83 -25.10 42.32 6.34
C LEU D 83 -25.40 43.35 5.28
N TRP D 84 -25.80 44.55 5.71
CA TRP D 84 -25.97 45.69 4.80
C TRP D 84 -25.02 46.82 5.25
N ILE D 85 -24.08 47.21 4.37
CA ILE D 85 -23.11 48.29 4.65
C ILE D 85 -23.62 49.56 3.96
N CYS D 86 -24.14 50.52 4.75
CA CYS D 86 -24.55 51.83 4.23
C CYS D 86 -23.31 52.73 4.03
N MET D 87 -23.16 53.27 2.81
CA MET D 87 -21.97 54.01 2.37
C MET D 87 -22.29 55.24 1.52
N GLU D 88 -21.27 56.07 1.33
CA GLU D 88 -21.31 57.20 0.40
C GLU D 88 -21.69 56.74 -1.02
N PHE D 89 -22.57 57.51 -1.64
CA PHE D 89 -23.01 57.33 -3.03
C PHE D 89 -22.16 58.23 -3.90
N CYS D 90 -21.72 57.66 -5.04
CA CYS D 90 -20.92 58.40 -6.04
C CYS D 90 -21.66 58.32 -7.36
N GLY D 91 -22.39 59.39 -7.67
CA GLY D 91 -23.48 59.36 -8.63
C GLY D 91 -23.14 59.32 -10.11
N ALA D 92 -21.89 59.50 -10.49
CA ALA D 92 -21.47 59.41 -11.88
C ALA D 92 -20.98 58.01 -12.27
N GLY D 93 -20.86 57.10 -11.29
CA GLY D 93 -20.37 55.75 -11.53
C GLY D 93 -18.87 55.68 -11.45
N SER D 94 -18.33 54.60 -12.03
CA SER D 94 -16.90 54.40 -12.17
C SER D 94 -16.38 55.17 -13.35
N LEU D 95 -15.05 55.30 -13.39
CA LEU D 95 -14.37 55.89 -14.56
C LEU D 95 -14.56 55.04 -15.83
N GLN D 96 -14.68 53.72 -15.70
CA GLN D 96 -15.06 52.85 -16.83
C GLN D 96 -16.42 53.21 -17.42
N ASP D 97 -17.41 53.35 -16.56
CA ASP D 97 -18.77 53.75 -16.99
C ASP D 97 -18.72 55.11 -17.71
N ILE D 98 -17.87 56.03 -17.23
CA ILE D 98 -17.64 57.35 -17.84
C ILE D 98 -16.92 57.25 -19.20
N TYR D 99 -15.72 56.64 -19.24
CA TYR D 99 -14.91 56.61 -20.48
C TYR D 99 -15.54 55.86 -21.64
N GLN D 100 -16.36 54.86 -21.34
CA GLN D 100 -17.15 54.15 -22.38
C GLN D 100 -18.15 55.04 -23.13
N VAL D 101 -18.57 56.15 -22.52
CA VAL D 101 -19.38 57.18 -23.18
C VAL D 101 -18.49 58.34 -23.65
N THR D 102 -17.66 58.90 -22.76
CA THR D 102 -16.86 60.09 -23.10
C THR D 102 -15.69 59.86 -24.07
N GLY D 103 -15.19 58.63 -24.13
CA GLY D 103 -13.89 58.37 -24.74
C GLY D 103 -12.77 58.79 -23.80
N SER D 104 -11.56 58.87 -24.36
CA SER D 104 -10.33 58.97 -23.55
C SER D 104 -10.25 60.27 -22.79
N LEU D 105 -9.74 60.18 -21.57
CA LEU D 105 -9.53 61.34 -20.73
C LEU D 105 -8.31 62.11 -21.21
N SER D 106 -8.31 63.41 -20.98
CA SER D 106 -7.13 64.26 -21.20
C SER D 106 -6.03 63.92 -20.20
N GLU D 107 -4.81 64.34 -20.51
CA GLU D 107 -3.68 64.14 -19.61
C GLU D 107 -3.91 64.81 -18.25
N LEU D 108 -4.49 66.03 -18.22
CA LEU D 108 -4.79 66.71 -16.96
C LEU D 108 -5.78 65.93 -16.09
N GLN D 109 -6.84 65.45 -16.72
CA GLN D 109 -7.89 64.63 -16.05
C GLN D 109 -7.30 63.36 -15.43
N ILE D 110 -6.47 62.67 -16.20
CA ILE D 110 -5.73 61.49 -15.71
C ILE D 110 -4.81 61.82 -14.55
N SER D 111 -4.09 62.94 -14.64
CA SER D 111 -3.19 63.38 -13.59
C SER D 111 -3.92 63.64 -12.27
N TYR D 112 -5.10 64.25 -12.35
CA TYR D 112 -5.92 64.49 -11.16
C TYR D 112 -6.43 63.17 -10.56
N VAL D 113 -6.98 62.28 -11.40
CA VAL D 113 -7.41 60.96 -10.95
C VAL D 113 -6.27 60.23 -10.25
N CYS D 114 -5.12 60.12 -10.91
CA CYS D 114 -3.92 59.49 -10.32
C CYS D 114 -3.49 60.05 -8.95
N ARG D 115 -3.54 61.38 -8.79
CA ARG D 115 -3.20 62.02 -7.50
C ARG D 115 -4.18 61.59 -6.38
N GLU D 116 -5.45 61.68 -6.69
CA GLU D 116 -6.52 61.23 -5.77
C GLU D 116 -6.44 59.77 -5.39
N VAL D 117 -6.15 58.89 -6.37
CA VAL D 117 -5.96 57.46 -6.07
C VAL D 117 -4.74 57.24 -5.16
N LEU D 118 -3.62 57.89 -5.49
CA LEU D 118 -2.38 57.80 -4.68
C LEU D 118 -2.53 58.28 -3.26
N GLN D 119 -3.32 59.32 -3.06
CA GLN D 119 -3.70 59.77 -1.72
C GLN D 119 -4.50 58.68 -0.98
N GLY D 120 -5.48 58.08 -1.65
CA GLY D 120 -6.15 56.89 -1.14
C GLY D 120 -5.24 55.70 -0.85
N LEU D 121 -4.35 55.37 -1.79
CA LEU D 121 -3.41 54.26 -1.61
C LEU D 121 -2.34 54.49 -0.53
N ALA D 122 -1.87 55.74 -0.41
CA ALA D 122 -0.96 56.13 0.68
C ALA D 122 -1.58 55.94 2.07
N TYR D 123 -2.88 56.24 2.17
CA TYR D 123 -3.62 56.03 3.40
C TYR D 123 -3.81 54.53 3.70
N LEU D 124 -4.26 53.76 2.71
CA LEU D 124 -4.49 52.29 2.93
C LEU D 124 -3.21 51.54 3.31
N HIS D 125 -2.08 51.90 2.67
CA HIS D 125 -0.79 51.26 2.96
C HIS D 125 -0.20 51.61 4.35
N SER D 126 -0.40 52.85 4.80
CA SER D 126 -0.05 53.26 6.19
C SER D 126 -0.90 52.55 7.25
N GLN D 127 -2.13 52.17 6.88
CA GLN D 127 -2.98 51.23 7.65
C GLN D 127 -2.69 49.72 7.40
N LYS D 128 -1.55 49.38 6.80
CA LYS D 128 -1.13 48.00 6.48
C LYS D 128 -2.10 47.18 5.59
N LYS D 129 -2.96 47.86 4.84
CA LYS D 129 -3.94 47.26 3.93
C LYS D 129 -3.41 47.38 2.51
N ILE D 130 -3.97 46.58 1.61
CA ILE D 130 -3.64 46.59 0.18
C ILE D 130 -4.97 46.63 -0.55
N HIS D 131 -5.08 47.49 -1.57
CA HIS D 131 -6.31 47.57 -2.37
C HIS D 131 -6.58 46.31 -3.21
N ARG D 132 -5.52 45.82 -3.87
CA ARG D 132 -5.50 44.57 -4.69
C ARG D 132 -6.18 44.65 -6.06
N ASP D 133 -6.79 45.77 -6.41
CA ASP D 133 -7.74 45.82 -7.54
C ASP D 133 -7.99 47.25 -8.08
N ILE D 134 -6.90 48.00 -8.23
CA ILE D 134 -6.95 49.29 -8.84
C ILE D 134 -7.18 49.08 -10.34
N LYS D 135 -8.38 49.43 -10.78
CA LYS D 135 -8.71 49.59 -12.17
C LYS D 135 -9.73 50.71 -12.34
N GLY D 136 -9.85 51.21 -13.56
CA GLY D 136 -10.96 52.11 -13.97
C GLY D 136 -12.32 51.79 -13.36
N ALA D 137 -12.74 50.52 -13.44
CA ALA D 137 -14.07 50.10 -12.91
C ALA D 137 -14.29 50.26 -11.38
N ASN D 138 -13.19 50.35 -10.61
CA ASN D 138 -13.19 50.48 -9.15
C ASN D 138 -12.79 51.85 -8.61
N ILE D 139 -12.62 52.83 -9.49
CA ILE D 139 -12.39 54.21 -9.12
C ILE D 139 -13.72 54.88 -9.42
N LEU D 140 -14.38 55.36 -8.36
CA LEU D 140 -15.69 56.01 -8.47
C LEU D 140 -15.60 57.54 -8.48
N ILE D 141 -16.63 58.15 -9.08
CA ILE D 141 -16.68 59.56 -9.37
C ILE D 141 -18.04 60.05 -8.88
N ASN D 142 -18.04 61.01 -7.94
CA ASN D 142 -19.30 61.65 -7.48
C ASN D 142 -19.66 62.83 -8.38
N ASP D 143 -20.81 63.43 -8.12
CA ASP D 143 -21.36 64.50 -8.98
C ASP D 143 -20.55 65.80 -8.91
N ALA D 144 -19.89 66.00 -7.77
CA ALA D 144 -18.91 67.06 -7.55
C ALA D 144 -17.58 66.94 -8.28
N GLY D 145 -17.30 65.79 -8.94
CA GLY D 145 -16.07 65.55 -9.68
C GLY D 145 -14.94 64.96 -8.84
N GLU D 146 -15.30 64.45 -7.67
CA GLU D 146 -14.32 63.92 -6.72
C GLU D 146 -14.16 62.41 -6.92
N VAL D 147 -13.04 61.91 -6.43
CA VAL D 147 -12.53 60.57 -6.73
C VAL D 147 -12.53 59.76 -5.43
N ARG D 148 -13.20 58.60 -5.51
CA ARG D 148 -13.35 57.71 -4.38
C ARG D 148 -12.95 56.30 -4.80
N LEU D 149 -12.12 55.65 -3.99
CA LEU D 149 -11.92 54.19 -4.06
C LEU D 149 -12.98 53.51 -3.20
N ALA D 150 -13.48 52.36 -3.67
CA ALA D 150 -14.25 51.42 -2.81
C ALA D 150 -13.31 50.73 -1.79
N ASP D 151 -13.89 49.88 -0.95
CA ASP D 151 -13.13 49.10 0.04
C ASP D 151 -13.72 47.68 0.12
N PHE D 152 -13.00 46.71 -0.46
CA PHE D 152 -13.34 45.27 -0.42
C PHE D 152 -12.54 44.58 0.70
N GLY D 153 -12.56 45.18 1.89
CA GLY D 153 -11.82 44.68 3.07
C GLY D 153 -12.63 43.61 3.79
N ILE D 154 -13.67 44.07 4.48
CA ILE D 154 -14.56 43.19 5.26
C ILE D 154 -15.43 42.26 4.39
N SER D 155 -15.82 42.73 3.20
CA SER D 155 -16.56 41.89 2.21
C SER D 155 -15.76 40.69 1.70
N ALA D 156 -14.43 40.83 1.57
CA ALA D 156 -13.53 39.72 1.26
C ALA D 156 -13.41 38.66 2.37
N GLN D 157 -13.45 39.10 3.63
CA GLN D 157 -13.31 38.21 4.81
C GLN D 157 -14.52 37.31 5.16
N ILE D 158 -15.67 37.49 4.50
CA ILE D 158 -16.87 36.66 4.71
C ILE D 158 -17.65 36.37 3.42
N GLY D 159 -18.59 35.43 3.51
CA GLY D 159 -19.66 35.28 2.52
C GLY D 159 -19.30 34.51 1.27
N ALA D 160 -19.95 34.88 0.16
CA ALA D 160 -19.84 34.16 -1.13
C ALA D 160 -18.59 34.47 -1.95
N GLU D 161 -18.01 35.66 -1.78
CA GLU D 161 -16.67 35.95 -2.33
C GLU D 161 -15.56 35.21 -1.58
N LEU D 162 -15.72 35.08 -0.25
CA LEU D 162 -14.78 34.28 0.58
C LEU D 162 -14.84 32.78 0.27
N ALA D 163 -16.07 32.26 0.10
CA ALA D 163 -16.31 30.89 -0.37
C ALA D 163 -15.77 30.60 -1.77
N ARG D 164 -15.80 31.61 -2.66
CA ARG D 164 -15.20 31.54 -4.00
C ARG D 164 -13.67 31.38 -3.93
N ARG D 165 -13.01 32.18 -3.08
CA ARG D 165 -11.56 32.06 -2.82
C ARG D 165 -11.15 30.71 -2.21
N LEU D 166 -12.05 30.10 -1.43
CA LEU D 166 -11.84 28.73 -0.89
C LEU D 166 -12.02 27.60 -1.93
N GLU D 167 -12.97 27.77 -2.88
CA GLU D 167 -13.26 26.78 -3.94
C GLU D 167 -12.08 26.46 -4.87
N PHE D 168 -11.30 27.49 -5.23
CA PHE D 168 -10.07 27.33 -6.02
C PHE D 168 -8.93 26.67 -5.23
N ILE D 169 -8.80 27.04 -3.95
CA ILE D 169 -7.83 26.47 -3.01
C ILE D 169 -8.06 24.95 -2.83
N GLY D 170 -9.34 24.49 -2.85
CA GLY D 170 -9.68 23.06 -2.65
C GLY D 170 -9.46 22.60 -1.21
N THR D 171 -9.75 21.33 -0.90
CA THR D 171 -9.54 20.77 0.46
C THR D 171 -8.13 21.16 0.97
N PRO D 172 -8.03 21.83 2.13
CA PRO D 172 -6.71 22.30 2.61
C PRO D 172 -5.95 21.34 3.49
N TYR D 173 -6.53 20.17 3.80
CA TYR D 173 -6.06 19.33 4.92
C TYR D 173 -4.66 18.73 4.70
N TRP D 174 -4.33 18.42 3.45
CA TRP D 174 -3.00 17.89 3.05
C TRP D 174 -1.95 18.97 2.74
N MET D 175 -2.39 20.23 2.68
CA MET D 175 -1.60 21.35 2.18
C MET D 175 -0.59 21.79 3.23
N ALA D 176 0.64 22.05 2.80
CA ALA D 176 1.73 22.48 3.70
C ALA D 176 1.56 23.96 4.12
N PRO D 177 2.23 24.40 5.24
CA PRO D 177 1.98 25.76 5.76
C PRO D 177 2.28 26.90 4.78
N GLU D 178 3.47 26.85 4.17
CA GLU D 178 3.87 27.80 3.11
C GLU D 178 2.92 27.84 1.90
N VAL D 179 2.28 26.70 1.60
CA VAL D 179 1.29 26.62 0.53
C VAL D 179 -0.01 27.28 0.98
N ALA D 180 -0.42 27.03 2.21
CA ALA D 180 -1.59 27.70 2.82
C ALA D 180 -1.41 29.22 2.99
N ALA D 181 -0.20 29.64 3.35
CA ALA D 181 0.16 31.06 3.48
C ALA D 181 -0.06 31.82 2.18
N VAL D 182 0.45 31.25 1.09
CA VAL D 182 0.25 31.79 -0.25
C VAL D 182 -1.24 31.67 -0.71
N ALA D 183 -1.93 30.60 -0.34
CA ALA D 183 -3.37 30.44 -0.62
C ALA D 183 -4.29 31.49 0.01
N LEU D 184 -3.84 32.10 1.14
CA LEU D 184 -4.51 33.28 1.73
C LEU D 184 -4.06 34.60 1.06
N LYS D 185 -2.76 34.87 1.16
CA LYS D 185 -2.16 36.16 0.72
C LYS D 185 -2.13 36.33 -0.79
N GLY D 186 -1.54 35.35 -1.47
CA GLY D 186 -1.08 35.45 -2.85
C GLY D 186 0.31 36.09 -2.87
N GLY D 187 0.65 36.67 -4.02
CA GLY D 187 1.87 37.50 -4.19
C GLY D 187 1.69 38.98 -3.91
N TYR D 188 0.43 39.38 -3.68
CA TYR D 188 0.05 40.73 -3.28
C TYR D 188 0.90 41.26 -2.12
N ASN D 189 1.73 42.25 -2.42
CA ASN D 189 2.26 43.20 -1.41
C ASN D 189 1.68 44.58 -1.70
N GLU D 190 2.01 45.58 -0.90
CA GLU D 190 1.46 46.96 -1.08
C GLU D 190 1.79 47.60 -2.44
N LEU D 191 2.99 47.34 -2.95
CA LEU D 191 3.49 48.00 -4.16
C LEU D 191 2.86 47.54 -5.46
N CYS D 192 2.15 46.41 -5.46
CA CYS D 192 1.37 45.98 -6.65
C CYS D 192 0.23 46.94 -7.04
N ASP D 193 -0.35 47.61 -6.04
CA ASP D 193 -1.31 48.71 -6.30
C ASP D 193 -0.74 49.86 -7.17
N ILE D 194 0.54 50.15 -7.00
CA ILE D 194 1.23 51.21 -7.77
C ILE D 194 1.37 50.81 -9.23
N TRP D 195 1.85 49.57 -9.47
CA TRP D 195 1.81 48.96 -10.81
C TRP D 195 0.40 49.08 -11.40
N SER D 196 -0.58 48.57 -10.65
CA SER D 196 -1.97 48.56 -11.10
C SER D 196 -2.48 49.97 -11.48
N LEU D 197 -2.04 50.99 -10.74
CA LEU D 197 -2.36 52.38 -11.09
C LEU D 197 -1.70 52.80 -12.41
N GLY D 198 -0.45 52.39 -12.60
CA GLY D 198 0.26 52.56 -13.87
C GLY D 198 -0.53 52.06 -15.06
N ILE D 199 -1.08 50.86 -14.92
CA ILE D 199 -1.92 50.25 -15.95
C ILE D 199 -3.24 50.99 -16.08
N THR D 200 -3.80 51.42 -14.96
CA THR D 200 -5.05 52.20 -14.96
C THR D 200 -4.91 53.50 -15.72
N ALA D 201 -3.80 54.21 -15.52
CA ALA D 201 -3.54 55.46 -16.23
C ALA D 201 -3.48 55.28 -17.75
N ILE D 202 -2.87 54.17 -18.21
CA ILE D 202 -2.90 53.78 -19.63
C ILE D 202 -4.32 53.46 -20.05
N GLU D 203 -5.06 52.73 -19.21
CA GLU D 203 -6.49 52.41 -19.48
C GLU D 203 -7.34 53.64 -19.76
N LEU D 204 -7.21 54.62 -18.86
CA LEU D 204 -7.90 55.90 -18.99
C LEU D 204 -7.48 56.65 -20.23
N ALA D 205 -6.18 56.61 -20.52
CA ALA D 205 -5.61 57.19 -21.74
C ALA D 205 -6.09 56.57 -23.05
N GLU D 206 -6.31 55.26 -23.07
CA GLU D 206 -6.49 54.48 -24.33
C GLU D 206 -7.75 53.60 -24.44
N LEU D 207 -8.66 53.68 -23.45
CA LEU D 207 -9.88 52.83 -23.37
C LEU D 207 -9.72 51.32 -23.14
N GLN D 208 -8.50 50.86 -22.87
CA GLN D 208 -8.20 49.46 -22.58
C GLN D 208 -6.92 49.39 -21.75
N PRO D 209 -6.77 48.40 -20.85
CA PRO D 209 -5.43 48.15 -20.31
C PRO D 209 -4.59 47.51 -21.42
N PRO D 210 -3.24 47.56 -21.33
CA PRO D 210 -2.42 46.91 -22.38
C PRO D 210 -2.66 45.40 -22.45
N LEU D 211 -2.62 44.87 -23.67
CA LEU D 211 -2.82 43.44 -23.97
C LEU D 211 -4.26 42.92 -23.74
N PHE D 212 -5.26 43.82 -23.65
CA PHE D 212 -6.69 43.43 -23.44
C PHE D 212 -7.28 42.53 -24.52
N ASP D 213 -6.73 42.60 -25.74
CA ASP D 213 -7.06 41.71 -26.88
C ASP D 213 -6.25 40.38 -26.95
N VAL D 214 -5.43 40.10 -25.93
CA VAL D 214 -4.53 38.94 -25.86
C VAL D 214 -5.04 38.09 -24.71
N HIS D 215 -4.93 36.77 -24.89
CA HIS D 215 -5.50 35.79 -23.98
C HIS D 215 -4.84 35.86 -22.57
N PRO D 216 -5.66 35.79 -21.49
CA PRO D 216 -5.18 35.92 -20.12
C PRO D 216 -3.97 35.10 -19.72
N LEU D 217 -3.98 33.83 -20.09
CA LEU D 217 -2.85 32.90 -19.84
C LEU D 217 -1.55 33.35 -20.50
N ARG D 218 -1.63 33.68 -21.79
CA ARG D 218 -0.48 34.17 -22.55
C ARG D 218 0.14 35.40 -21.90
N VAL D 219 -0.74 36.29 -21.39
CA VAL D 219 -0.33 37.47 -20.65
C VAL D 219 0.37 37.14 -19.34
N LEU D 220 -0.17 36.18 -18.59
CA LEU D 220 0.45 35.70 -17.34
C LEU D 220 1.84 35.11 -17.54
N PHE D 221 2.01 34.30 -18.57
CA PHE D 221 3.33 33.73 -18.92
C PHE D 221 4.34 34.79 -19.40
N LEU D 222 3.88 35.75 -20.20
CA LEU D 222 4.72 36.83 -20.70
C LEU D 222 5.25 37.68 -19.55
N MET D 223 4.34 38.15 -18.68
CA MET D 223 4.66 38.89 -17.43
C MET D 223 5.71 38.26 -16.53
N THR D 224 5.65 36.95 -16.39
CA THR D 224 6.55 36.19 -15.51
C THR D 224 7.92 35.87 -16.11
N LYS D 225 8.03 35.79 -17.44
CA LYS D 225 9.31 35.50 -18.11
C LYS D 225 10.30 36.67 -17.97
N SER D 226 11.59 36.33 -17.88
CA SER D 226 12.67 37.21 -17.36
C SER D 226 12.83 38.55 -18.09
N GLY D 227 12.76 38.52 -19.43
CA GLY D 227 12.87 39.70 -20.26
C GLY D 227 11.55 40.41 -20.58
N TYR D 228 10.60 40.42 -19.65
CA TYR D 228 9.33 41.10 -19.86
C TYR D 228 9.56 42.60 -19.78
N GLN D 229 9.37 43.29 -20.92
CA GLN D 229 9.36 44.74 -20.96
C GLN D 229 7.98 45.21 -20.51
N PRO D 230 7.94 46.14 -19.53
CA PRO D 230 6.63 46.62 -19.11
C PRO D 230 5.92 47.42 -20.23
N PRO D 231 4.56 47.50 -20.17
CA PRO D 231 3.87 48.28 -21.21
C PRO D 231 4.14 49.80 -21.18
N ARG D 232 3.71 50.46 -22.26
CA ARG D 232 3.89 51.89 -22.51
C ARG D 232 2.66 52.43 -23.22
N LEU D 233 2.56 53.75 -23.28
CA LEU D 233 1.51 54.43 -24.05
C LEU D 233 1.77 54.26 -25.57
N LYS D 234 0.72 53.95 -26.32
CA LYS D 234 0.76 53.76 -27.78
C LYS D 234 1.30 54.96 -28.55
N GLU D 235 0.73 56.14 -28.28
CA GLU D 235 0.91 57.34 -29.09
C GLU D 235 1.83 58.37 -28.39
N LYS D 236 3.13 58.20 -28.54
CA LYS D 236 4.17 58.98 -27.81
C LYS D 236 4.01 60.52 -27.83
N GLY D 237 3.67 61.06 -28.99
CA GLY D 237 3.49 62.52 -29.19
C GLY D 237 2.29 63.17 -28.51
N LYS D 238 1.21 62.41 -28.33
CA LYS D 238 -0.02 62.89 -27.66
C LYS D 238 0.17 63.25 -26.17
N TRP D 239 1.09 62.56 -25.50
CA TRP D 239 1.32 62.68 -24.05
C TRP D 239 2.68 63.35 -23.79
N SER D 240 2.78 64.03 -22.66
CA SER D 240 4.03 64.70 -22.26
C SER D 240 5.02 63.67 -21.72
N ALA D 241 6.29 64.07 -21.70
CA ALA D 241 7.38 63.28 -21.10
C ALA D 241 7.14 62.90 -19.63
N ALA D 242 6.50 63.79 -18.88
CA ALA D 242 6.16 63.55 -17.46
C ALA D 242 5.15 62.41 -17.29
N PHE D 243 4.17 62.31 -18.18
CA PHE D 243 3.22 61.18 -18.16
C PHE D 243 3.96 59.88 -18.53
N HIS D 244 4.80 59.90 -19.56
CA HIS D 244 5.64 58.75 -19.93
C HIS D 244 6.54 58.26 -18.80
N ASN D 245 7.15 59.19 -18.08
CA ASN D 245 7.99 58.86 -16.91
C ASN D 245 7.14 58.30 -15.76
N PHE D 246 5.97 58.87 -15.52
CA PHE D 246 5.01 58.31 -14.53
C PHE D 246 4.64 56.84 -14.84
N ILE D 247 4.39 56.56 -16.11
CA ILE D 247 4.16 55.20 -16.59
C ILE D 247 5.42 54.32 -16.47
N LYS D 248 6.59 54.86 -16.83
CA LYS D 248 7.87 54.13 -16.69
C LYS D 248 8.15 53.69 -15.24
N VAL D 249 8.02 54.62 -14.28
CA VAL D 249 8.38 54.36 -12.88
C VAL D 249 7.34 53.55 -12.13
N THR D 250 6.05 53.83 -12.36
CA THR D 250 4.96 53.00 -11.80
C THR D 250 5.03 51.57 -12.32
N LEU D 251 5.36 51.39 -13.60
CA LEU D 251 5.51 50.05 -14.19
C LEU D 251 6.95 49.51 -14.14
N THR D 252 7.58 49.63 -12.97
CA THR D 252 8.87 48.99 -12.70
C THR D 252 8.55 47.53 -12.36
N LYS D 253 9.23 46.62 -13.04
CA LYS D 253 8.97 45.18 -12.90
C LYS D 253 9.33 44.68 -11.49
N SER D 254 10.54 45.04 -11.04
CA SER D 254 11.05 44.67 -9.72
C SER D 254 10.25 45.34 -8.58
N PRO D 255 9.54 44.56 -7.72
CA PRO D 255 8.81 45.16 -6.58
C PRO D 255 9.70 45.91 -5.57
N LYS D 256 10.90 45.37 -5.30
CA LYS D 256 11.92 46.02 -4.44
C LYS D 256 12.30 47.44 -4.91
N LYS D 257 12.44 47.61 -6.23
CA LYS D 257 12.80 48.89 -6.85
C LYS D 257 11.59 49.80 -7.22
N ARG D 258 10.35 49.36 -7.03
CA ARG D 258 9.15 50.13 -7.47
C ARG D 258 8.80 51.20 -6.42
N PRO D 259 8.49 52.45 -6.83
CA PRO D 259 8.18 53.51 -5.84
C PRO D 259 6.84 53.32 -5.13
N SER D 260 6.79 53.66 -3.84
CA SER D 260 5.57 53.60 -3.03
C SER D 260 4.60 54.73 -3.37
N ALA D 261 3.39 54.66 -2.80
CA ALA D 261 2.37 55.71 -3.00
C ALA D 261 2.85 57.09 -2.57
N THR D 262 3.51 57.17 -1.41
CA THR D 262 4.08 58.41 -0.88
C THR D 262 5.14 58.99 -1.83
N LYS D 263 6.11 58.16 -2.19
CA LYS D 263 7.13 58.50 -3.22
C LYS D 263 6.53 59.01 -4.52
N MET D 264 5.48 58.33 -4.99
CA MET D 264 4.78 58.70 -6.23
C MET D 264 4.03 60.04 -6.16
N LEU D 265 3.52 60.43 -4.99
CA LEU D 265 2.82 61.73 -4.84
C LEU D 265 3.70 62.97 -5.04
N SER D 266 5.02 62.84 -4.79
CA SER D 266 6.01 63.88 -5.16
C SER D 266 6.55 63.76 -6.62
N HIS D 267 5.85 63.00 -7.48
CA HIS D 267 6.15 62.96 -8.91
C HIS D 267 5.56 64.17 -9.60
N GLN D 268 6.22 64.61 -10.66
CA GLN D 268 5.88 65.81 -11.42
C GLN D 268 4.44 65.83 -11.93
N LEU D 269 4.06 64.79 -12.67
CA LEU D 269 2.68 64.58 -13.17
C LEU D 269 1.59 64.87 -12.17
N VAL D 270 1.75 64.38 -10.93
CA VAL D 270 0.71 64.47 -9.87
C VAL D 270 0.90 65.60 -8.82
N SER D 271 2.09 66.16 -8.75
CA SER D 271 2.37 67.34 -7.90
C SER D 271 2.17 68.69 -8.60
N GLN D 272 1.85 68.70 -9.91
CA GLN D 272 1.68 69.92 -10.69
C GLN D 272 0.45 70.71 -10.22
N PRO D 273 0.51 72.06 -10.29
CA PRO D 273 -0.66 72.86 -9.91
C PRO D 273 -1.75 72.79 -10.96
N GLY D 274 -2.91 73.33 -10.63
CA GLY D 274 -4.11 73.23 -11.46
C GLY D 274 -4.75 71.84 -11.61
N LEU D 275 -4.44 70.94 -10.69
CA LEU D 275 -5.13 69.65 -10.63
C LEU D 275 -6.21 69.83 -9.58
N ASN D 276 -7.46 69.83 -10.03
CA ASN D 276 -8.63 69.89 -9.14
C ASN D 276 -9.88 69.30 -9.83
N ARG D 277 -10.94 69.14 -9.05
CA ARG D 277 -12.21 68.54 -9.50
C ARG D 277 -12.91 69.18 -10.70
N GLY D 278 -12.58 70.45 -10.99
CA GLY D 278 -12.99 71.11 -12.25
C GLY D 278 -12.71 70.31 -13.52
N LEU D 279 -11.56 69.66 -13.54
CA LEU D 279 -11.16 68.75 -14.64
C LEU D 279 -12.15 67.64 -14.86
N ILE D 280 -12.68 67.08 -13.77
CA ILE D 280 -13.71 66.02 -13.84
C ILE D 280 -15.10 66.56 -14.09
N LEU D 281 -15.40 67.77 -13.63
CA LEU D 281 -16.68 68.42 -13.99
C LEU D 281 -16.78 68.65 -15.50
N ASP D 282 -15.67 69.05 -16.14
CA ASP D 282 -15.59 69.09 -17.62
C ASP D 282 -15.91 67.75 -18.27
N LEU D 283 -15.37 66.66 -17.71
CA LEU D 283 -15.65 65.30 -18.18
C LEU D 283 -17.13 64.92 -18.02
N LEU D 284 -17.66 65.10 -16.82
CA LEU D 284 -19.11 64.83 -16.56
C LEU D 284 -20.05 65.70 -17.41
N ASP D 285 -19.61 66.91 -17.76
CA ASP D 285 -20.34 67.77 -18.72
C ASP D 285 -20.32 67.17 -20.14
N LYS D 286 -19.17 66.65 -20.55
CA LYS D 286 -19.01 65.93 -21.84
C LYS D 286 -19.93 64.69 -21.96
N LEU D 287 -20.17 64.00 -20.84
CA LEU D 287 -21.13 62.88 -20.78
C LEU D 287 -22.57 63.30 -21.13
N LYS D 288 -22.99 64.47 -20.65
CA LYS D 288 -24.32 65.04 -20.89
C LYS D 288 -24.39 65.73 -22.25
N ASN D 289 -23.45 66.66 -22.49
CA ASN D 289 -23.45 67.56 -23.65
C ASN D 289 -22.31 67.29 -24.65
N PRO D 290 -22.58 66.45 -25.66
CA PRO D 290 -21.87 66.45 -26.94
C PRO D 290 -22.72 67.05 -28.08
C2 YK4 E . 3.46 -25.41 33.30
C4 YK4 E . 3.21 -24.64 31.08
C5 YK4 E . 2.01 -23.95 31.46
C6 YK4 E . 1.62 -24.07 32.81
C7 YK4 E . 1.22 -23.15 30.50
N10 YK4 E . 3.69 -24.56 29.76
C11 YK4 E . 4.83 -25.16 29.18
C12 YK4 E . 4.84 -25.29 27.77
C15 YK4 E . 7.08 -26.12 29.22
C16 YK4 E . 5.98 -25.57 29.89
C19 YK4 E . 5.27 -26.92 34.21
C21 YK4 E . 7.06 -28.03 35.43
C23 YK4 E . 6.81 -28.42 33.09
C24 YK4 E . 5.70 -27.58 33.06
C27 YK4 E . 9.29 -29.87 32.94
C31 YK4 E . 6.08 -26.69 37.85
N1 YK4 E . 2.35 -24.77 33.68
N3 YK4 E . 3.86 -25.32 32.03
O8 YK4 E . 1.36 -23.34 29.29
N9 YK4 E . 0.45 -22.12 30.88
C13 YK4 E . 5.93 -25.83 27.13
C14 YK4 E . 7.05 -26.25 27.84
BR17 YK4 E . 3.41 -24.77 26.65
N18 YK4 E . 4.14 -26.08 34.29
C20 YK4 E . 5.95 -27.16 35.43
C22 YK4 E . 7.49 -28.66 34.26
C25 YK4 E . 7.21 -29.06 31.78
N26 YK4 E . 8.24 -30.12 31.92
C28 YK4 E . 8.69 -29.58 34.32
C29 YK4 E . 8.78 -30.53 30.61
O30 YK4 E . 5.48 -26.52 36.56
C2 YK4 F . 24.97 -31.69 -13.61
C4 YK4 F . 24.02 -32.92 -11.83
C5 YK4 F . 23.71 -33.99 -12.75
C6 YK4 F . 24.10 -33.80 -14.09
C7 YK4 F . 23.03 -35.23 -12.32
N10 YK4 F . 23.72 -33.01 -10.46
C11 YK4 F . 23.62 -31.96 -9.52
C12 YK4 F . 22.49 -31.92 -8.69
C15 YK4 F . 24.48 -29.97 -8.41
C16 YK4 F . 24.62 -30.99 -9.36
C19 YK4 F . 25.85 -29.30 -13.43
C21 YK4 F . 27.21 -27.29 -13.25
C23 YK4 F . 25.30 -27.54 -11.82
C24 YK4 F . 25.02 -28.77 -12.41
C27 YK4 F . 25.77 -25.01 -10.47
C31 YK4 F . 28.89 -28.42 -15.44
N1 YK4 F . 24.70 -32.67 -14.47
N3 YK4 F . 24.65 -31.85 -12.32
O8 YK4 F . 22.20 -35.18 -11.43
N9 YK4 F . 23.31 -36.43 -12.86
C13 YK4 F . 22.35 -30.90 -7.75
C14 YK4 F . 23.34 -29.94 -7.61
BR17 YK4 F . 21.10 -33.19 -8.81
N18 YK4 F . 25.62 -30.54 -14.09
C20 YK4 F . 26.95 -28.53 -13.88
C22 YK4 F . 26.39 -26.80 -12.22
C25 YK4 F . 24.40 -27.04 -10.70
N26 YK4 F . 24.41 -25.57 -10.60
C28 YK4 F . 26.72 -25.45 -11.61
C29 YK4 F . 23.54 -25.12 -9.52
O30 YK4 F . 27.72 -29.06 -14.89
C2 YK4 G . -7.36 4.17 -12.03
C4 YK4 G . -6.98 6.32 -12.95
C5 YK4 G . -5.70 5.85 -13.45
C6 YK4 G . -5.35 4.51 -13.18
C7 YK4 G . -4.78 6.72 -14.21
N10 YK4 G . -7.43 7.63 -13.19
C11 YK4 G . -8.43 8.32 -12.48
C12 YK4 G . -8.18 9.63 -12.02
C15 YK4 G . -10.68 8.48 -11.56
C16 YK4 G . -9.71 7.77 -12.26
C19 YK4 G . -9.34 3.54 -10.57
C21 YK4 G . -11.47 2.70 -9.69
C23 YK4 G . -10.80 4.96 -9.19
C24 YK4 G . -9.62 4.76 -9.91
C27 YK4 G . -13.25 5.50 -7.74
C31 YK4 G . -10.82 0.13 -11.04
N1 YK4 G . -6.18 3.74 -12.48
N3 YK4 G . -7.73 5.43 -12.28
O8 YK4 G . -4.71 7.90 -13.91
N9 YK4 G . -4.03 6.26 -15.23
C13 YK4 G . -9.16 10.33 -11.33
C14 YK4 G . -10.41 9.76 -11.10
BR17 YK4 G . -6.52 10.49 -12.30
N18 YK4 G . -8.16 3.27 -11.31
C20 YK4 G . -10.28 2.48 -10.43
C22 YK4 G . -11.72 3.92 -9.08
C25 YK4 G . -11.06 6.30 -8.54
N26 YK4 G . -11.99 6.19 -7.39
C28 YK4 G . -13.02 4.09 -8.29
C29 YK4 G . -12.24 7.51 -6.79
O30 YK4 G . -9.97 1.30 -11.06
C2 YK4 H . -21.56 53.79 -6.66
C4 YK4 H . -20.70 52.02 -5.37
C5 YK4 H . -20.50 52.93 -4.27
C6 YK4 H . -20.88 54.26 -4.50
C7 YK4 H . -19.96 52.47 -2.98
N10 YK4 H . -20.39 50.65 -5.23
C11 YK4 H . -20.45 49.62 -6.20
C12 YK4 H . -19.64 48.49 -5.98
C15 YK4 H . -21.38 48.53 -8.20
C16 YK4 H . -21.34 49.61 -7.31
C19 YK4 H . -22.31 53.67 -9.07
C21 YK4 H . -23.48 53.74 -11.19
C23 YK4 H . -21.83 52.04 -10.81
C24 YK4 H . -21.59 52.56 -9.54
C27 YK4 H . -22.46 50.69 -13.27
C31 YK4 H . -24.91 56.11 -10.16
N1 YK4 H . -21.38 54.67 -5.67
N3 YK4 H . -21.22 52.52 -6.49
O8 YK4 H . -19.33 51.43 -2.91
N9 YK4 H . -20.25 53.12 -1.83
C13 YK4 H . -19.70 47.43 -6.87
C14 YK4 H . -20.55 47.44 -7.97
BR17 YK4 H . -18.42 48.32 -4.55
N18 YK4 H . -22.11 54.30 -7.82
C20 YK4 H . -23.26 54.28 -9.91
C22 YK4 H . -22.78 52.61 -11.63
C25 YK4 H . -21.04 50.82 -11.22
N26 YK4 H . -21.11 50.56 -12.67
C28 YK4 H . -23.06 52.08 -13.02
C29 YK4 H . -20.47 49.28 -13.00
O30 YK4 H . -23.91 55.40 -9.40
#